data_5D3U
#
_entry.id   5D3U
#
_cell.length_a   74.795
_cell.length_b   99.351
_cell.length_c   105.499
_cell.angle_alpha   90.000
_cell.angle_beta   90.000
_cell.angle_gamma   90.000
#
_symmetry.space_group_name_H-M   'P 21 21 21'
#
loop_
_entity.id
_entity.type
_entity.pdbx_description
1 polymer 'P450-like protein'
2 non-polymer 'PROTOPORPHYRIN IX CONTAINING FE'
3 non-polymer TRYPTOPHAN
4 non-polymer GLYCEROL
5 non-polymer 'CHLORIDE ION'
6 water water
#
_entity_poly.entity_id   1
_entity_poly.type   'polypeptide(L)'
_entity_poly.pdbx_seq_one_letter_code
;MGSSHHHHHHSSGLVPRGSHMMTVPSPLADPSIVPDPYPVYADLAQRRPVHWVERLNAWAVLTYADCAAGLKDPRLTADR
GTEVLAAKFPGQPLPPDNIFHRWTKNVVMYTDPPLHDALRRSVRAGFTRAAHQHYDQVLQKVAHDLVASIPAGATEIDAV
PALAAELPVRSAVHAFGVPEEDLGFLIPRVNTIMTYFSGPKDQPVTQEIILEKLTDLHTYASELLQGMRGKVLPDTVIAR
LAAAQDGLTETTPEQTVHQLALVFIALFAPTTPGSLSSGTLAFARNPRQVERFLADQACVDNTANEVLRYNASNQFTWRV
AAKDVEMGGVRIEAGQTLALFLGSANRDANMFERPNDFDLDRPNSARHLSFGQGVHACLAAQLISLQLKWFYVALLNRFP
GIRTAGEPIWNENLEFRSLRSLPLSLR
;
_entity_poly.pdbx_strand_id   A,B
#
loop_
_chem_comp.id
_chem_comp.type
_chem_comp.name
_chem_comp.formula
CL non-polymer 'CHLORIDE ION' 'Cl -1'
GOL non-polymer GLYCEROL 'C3 H8 O3'
HEM non-polymer 'PROTOPORPHYRIN IX CONTAINING FE' 'C34 H32 Fe N4 O4'
#
# COMPACT_ATOMS: atom_id res chain seq x y z
N PRO A 25 32.67 -0.21 -29.98
CA PRO A 25 31.34 -0.79 -29.64
C PRO A 25 31.38 -2.33 -29.24
N SER A 26 30.64 -2.79 -28.23
CA SER A 26 31.01 -4.07 -27.61
C SER A 26 30.54 -5.31 -28.37
N PRO A 27 31.44 -6.25 -28.62
CA PRO A 27 31.09 -7.54 -29.16
C PRO A 27 30.10 -8.28 -28.24
N LEU A 28 30.01 -7.90 -26.97
CA LEU A 28 29.07 -8.56 -26.05
C LEU A 28 27.62 -8.30 -26.47
N ALA A 29 27.35 -7.27 -27.28
CA ALA A 29 25.99 -7.02 -27.69
C ALA A 29 25.67 -7.73 -29.02
N ASP A 30 26.68 -8.40 -29.61
CA ASP A 30 26.45 -9.11 -30.84
C ASP A 30 25.74 -10.44 -30.63
N PRO A 31 24.52 -10.60 -31.22
CA PRO A 31 23.84 -11.89 -30.91
C PRO A 31 24.58 -13.13 -31.43
N SER A 32 25.45 -12.94 -32.39
CA SER A 32 26.19 -14.06 -32.92
C SER A 32 27.17 -14.71 -31.95
N ILE A 33 27.46 -14.09 -30.79
CA ILE A 33 28.39 -14.68 -29.85
C ILE A 33 27.72 -15.77 -28.99
N VAL A 34 26.39 -15.83 -28.97
CA VAL A 34 25.71 -16.67 -27.98
C VAL A 34 26.04 -18.18 -28.14
N PRO A 35 26.12 -18.72 -29.37
CA PRO A 35 26.38 -20.17 -29.45
C PRO A 35 27.76 -20.55 -28.87
N ASP A 36 28.74 -19.63 -28.93
CA ASP A 36 30.07 -19.86 -28.35
C ASP A 36 30.69 -18.51 -27.99
N PRO A 37 30.42 -18.03 -26.78
CA PRO A 37 30.94 -16.71 -26.40
C PRO A 37 32.37 -16.72 -25.93
N TYR A 38 32.92 -17.89 -25.70
CA TYR A 38 34.15 -17.98 -24.92
C TYR A 38 35.39 -17.37 -25.65
N PRO A 39 35.49 -17.53 -27.00
CA PRO A 39 36.62 -16.86 -27.66
C PRO A 39 36.56 -15.33 -27.53
N VAL A 40 35.34 -14.78 -27.58
CA VAL A 40 35.17 -13.33 -27.39
C VAL A 40 35.47 -12.90 -25.95
N TYR A 41 34.91 -13.64 -25.00
CA TYR A 41 35.23 -13.39 -23.60
C TYR A 41 36.73 -13.41 -23.33
N ALA A 42 37.44 -14.39 -23.90
CA ALA A 42 38.86 -14.50 -23.64
C ALA A 42 39.67 -13.34 -24.19
N ASP A 43 39.32 -12.95 -25.41
CA ASP A 43 39.90 -11.76 -26.02
C ASP A 43 39.66 -10.50 -25.15
N LEU A 44 38.40 -10.24 -24.81
CA LEU A 44 38.04 -9.06 -24.03
C LEU A 44 38.60 -9.12 -22.61
N ALA A 45 38.63 -10.29 -21.99
CA ALA A 45 39.24 -10.39 -20.65
C ALA A 45 40.67 -9.88 -20.61
N GLN A 46 41.39 -10.12 -21.70
CA GLN A 46 42.76 -9.65 -21.86
C GLN A 46 42.86 -8.17 -22.20
N ARG A 47 42.10 -7.72 -23.18
CA ARG A 47 42.32 -6.39 -23.78
C ARG A 47 41.44 -5.31 -23.15
N ARG A 48 40.20 -5.69 -22.81
CA ARG A 48 39.16 -4.74 -22.29
C ARG A 48 38.43 -5.34 -21.06
N PRO A 49 39.20 -5.68 -19.99
CA PRO A 49 38.61 -6.54 -18.94
C PRO A 49 37.43 -5.90 -18.21
N VAL A 50 37.36 -4.57 -18.19
CA VAL A 50 36.17 -3.82 -17.82
C VAL A 50 35.90 -2.81 -18.89
N HIS A 51 34.73 -2.78 -19.48
CA HIS A 51 34.44 -1.80 -20.56
C HIS A 51 32.97 -1.59 -20.69
N TRP A 52 32.65 -0.50 -21.32
CA TRP A 52 31.28 -0.09 -21.39
C TRP A 52 30.47 -0.90 -22.40
N VAL A 53 29.26 -1.30 -22.01
CA VAL A 53 28.28 -1.92 -22.95
C VAL A 53 27.00 -1.11 -23.07
N GLU A 54 26.89 -0.30 -24.12
CA GLU A 54 25.81 0.68 -24.22
C GLU A 54 24.41 -0.01 -24.11
N ARG A 55 24.21 -1.19 -24.74
CA ARG A 55 22.89 -1.83 -24.69
C ARG A 55 22.50 -2.42 -23.34
N LEU A 56 23.48 -2.60 -22.45
CA LEU A 56 23.23 -2.92 -21.05
C LEU A 56 23.21 -1.75 -20.09
N ASN A 57 23.53 -0.57 -20.60
CA ASN A 57 23.79 0.61 -19.75
C ASN A 57 24.71 0.32 -18.59
N ALA A 58 25.72 -0.53 -18.84
CA ALA A 58 26.55 -1.03 -17.77
C ALA A 58 27.97 -1.31 -18.18
N TRP A 59 28.83 -1.30 -17.17
CA TRP A 59 30.18 -1.82 -17.27
C TRP A 59 30.24 -3.33 -17.23
N ALA A 60 30.80 -3.93 -18.30
CA ALA A 60 31.01 -5.36 -18.30
C ALA A 60 32.29 -5.68 -17.58
N VAL A 61 32.27 -6.73 -16.77
CA VAL A 61 33.42 -7.17 -16.00
C VAL A 61 33.70 -8.63 -16.33
N LEU A 62 34.89 -8.95 -16.83
CA LEU A 62 35.13 -10.23 -17.54
C LEU A 62 36.05 -11.19 -16.83
N THR A 63 36.89 -10.72 -15.92
CA THR A 63 37.93 -11.58 -15.35
C THR A 63 37.42 -12.29 -14.12
N TYR A 64 37.96 -13.45 -13.78
CA TYR A 64 37.60 -14.13 -12.52
C TYR A 64 37.89 -13.27 -11.32
N ALA A 65 39.07 -12.67 -11.29
CA ALA A 65 39.47 -11.92 -10.13
C ALA A 65 38.48 -10.79 -9.87
N ASP A 66 38.08 -10.08 -10.92
CA ASP A 66 37.23 -8.88 -10.74
C ASP A 66 35.80 -9.31 -10.44
N CYS A 67 35.34 -10.38 -11.08
CA CYS A 67 33.97 -10.90 -10.80
C CYS A 67 33.86 -11.43 -9.38
N ALA A 68 34.82 -12.26 -8.96
CA ALA A 68 34.75 -12.93 -7.64
C ALA A 68 34.82 -11.87 -6.52
N ALA A 69 35.75 -10.91 -6.68
CA ALA A 69 35.86 -9.82 -5.70
C ALA A 69 34.58 -8.94 -5.78
N GLY A 70 34.08 -8.69 -6.98
CA GLY A 70 32.88 -7.80 -7.17
C GLY A 70 31.67 -8.37 -6.44
N LEU A 71 31.47 -9.66 -6.54
CA LEU A 71 30.39 -10.36 -5.82
C LEU A 71 30.46 -10.19 -4.30
N LYS A 72 31.66 -9.97 -3.78
CA LYS A 72 31.90 -9.76 -2.34
C LYS A 72 32.37 -8.34 -1.95
N ASP A 73 32.15 -7.38 -2.86
CA ASP A 73 32.54 -6.05 -2.56
C ASP A 73 31.37 -5.24 -1.98
N PRO A 74 31.51 -4.80 -0.73
CA PRO A 74 30.37 -4.08 -0.12
C PRO A 74 30.06 -2.73 -0.76
N ARG A 75 30.99 -2.25 -1.57
CA ARG A 75 30.75 -1.04 -2.35
C ARG A 75 29.82 -1.24 -3.53
N LEU A 76 29.53 -2.53 -3.85
CA LEU A 76 28.55 -2.87 -4.85
C LEU A 76 27.26 -3.34 -4.17
N THR A 77 26.18 -2.69 -4.50
CA THR A 77 24.90 -3.04 -3.88
C THR A 77 24.11 -4.01 -4.75
N ALA A 78 23.32 -4.86 -4.08
CA ALA A 78 22.35 -5.73 -4.75
C ALA A 78 21.04 -5.03 -5.03
N ASP A 79 20.88 -3.86 -4.43
CA ASP A 79 19.67 -3.07 -4.59
C ASP A 79 19.71 -2.36 -5.96
N ARG A 80 19.16 -3.01 -6.97
CA ARG A 80 19.45 -2.61 -8.35
C ARG A 80 18.25 -2.62 -9.23
N GLY A 81 17.09 -3.00 -8.69
CA GLY A 81 15.92 -3.00 -9.53
C GLY A 81 15.58 -1.70 -10.34
N THR A 82 15.75 -0.54 -9.71
CA THR A 82 15.54 0.66 -10.43
C THR A 82 16.47 0.79 -11.65
N GLU A 83 17.75 0.59 -11.39
CA GLU A 83 18.83 0.73 -12.41
C GLU A 83 18.66 -0.25 -13.55
N VAL A 84 18.35 -1.50 -13.19
CA VAL A 84 18.26 -2.57 -14.23
C VAL A 84 16.96 -2.38 -15.03
N LEU A 85 15.86 -1.93 -14.36
CA LEU A 85 14.69 -1.70 -15.08
C LEU A 85 14.92 -0.53 -16.07
N ALA A 86 15.69 0.47 -15.64
CA ALA A 86 16.04 1.60 -16.48
C ALA A 86 16.88 1.21 -17.71
N ALA A 87 17.71 0.19 -17.49
CA ALA A 87 18.53 -0.36 -18.62
C ALA A 87 17.69 -1.11 -19.65
N LYS A 88 16.71 -1.88 -19.14
CA LYS A 88 15.93 -2.79 -19.94
C LYS A 88 14.67 -2.15 -20.54
N PHE A 89 14.06 -1.26 -19.76
CA PHE A 89 12.83 -0.58 -20.16
C PHE A 89 13.01 0.91 -19.89
N PRO A 90 13.94 1.55 -20.61
CA PRO A 90 14.17 2.97 -20.44
C PRO A 90 12.93 3.72 -20.78
N GLY A 91 12.60 4.74 -19.98
CA GLY A 91 11.42 5.55 -20.24
C GLY A 91 10.17 4.96 -19.62
N GLN A 92 10.32 3.80 -18.94
CA GLN A 92 9.20 3.13 -18.27
C GLN A 92 9.50 2.82 -16.82
N PRO A 93 9.77 3.87 -16.02
CA PRO A 93 9.98 3.64 -14.60
C PRO A 93 8.66 3.31 -13.89
N LEU A 94 8.79 2.90 -12.67
CA LEU A 94 7.62 2.50 -11.90
C LEU A 94 7.70 3.07 -10.50
N PRO A 95 6.53 3.44 -9.91
CA PRO A 95 6.55 3.97 -8.58
C PRO A 95 6.81 2.97 -7.45
N PRO A 96 7.18 3.46 -6.25
CA PRO A 96 7.54 2.52 -5.18
C PRO A 96 6.51 1.49 -4.77
N ASP A 97 5.24 1.78 -4.98
CA ASP A 97 4.15 0.92 -4.60
CA ASP A 97 4.25 0.81 -4.52
CA ASP A 97 4.21 0.85 -4.55
C ASP A 97 3.87 -0.16 -5.65
N ASN A 98 4.50 -0.03 -6.81
CA ASN A 98 4.33 -1.02 -7.87
C ASN A 98 4.87 -2.42 -7.44
N ILE A 99 4.17 -3.46 -7.88
CA ILE A 99 4.62 -4.85 -7.62
C ILE A 99 6.11 -5.08 -7.89
N PHE A 100 6.65 -4.47 -8.96
CA PHE A 100 8.07 -4.71 -9.27
C PHE A 100 8.99 -4.28 -8.15
N HIS A 101 8.72 -3.03 -7.66
CA HIS A 101 9.47 -2.52 -6.56
C HIS A 101 9.15 -3.20 -5.23
N ARG A 102 7.91 -3.50 -4.99
CA ARG A 102 7.62 -4.21 -3.73
C ARG A 102 8.20 -5.60 -3.67
N TRP A 103 8.23 -6.28 -4.82
CA TRP A 103 8.85 -7.53 -4.88
C TRP A 103 10.39 -7.45 -4.76
N THR A 104 11.03 -6.70 -5.63
CA THR A 104 12.51 -6.59 -5.54
C THR A 104 13.03 -6.17 -4.16
N LYS A 105 12.36 -5.19 -3.51
CA LYS A 105 12.83 -4.66 -2.24
C LYS A 105 12.51 -5.56 -1.04
N ASN A 106 11.86 -6.71 -1.29
CA ASN A 106 11.48 -7.64 -0.20
C ASN A 106 11.86 -9.07 -0.45
N VAL A 107 12.86 -9.26 -1.33
CA VAL A 107 13.42 -10.61 -1.56
C VAL A 107 14.92 -10.59 -1.40
N VAL A 108 15.46 -11.76 -1.05
CA VAL A 108 16.88 -11.86 -0.81
C VAL A 108 17.76 -11.38 -2.01
N MET A 109 17.31 -11.69 -3.21
CA MET A 109 18.12 -11.48 -4.42
C MET A 109 18.53 -10.03 -4.54
N TYR A 110 17.65 -9.07 -4.16
CA TYR A 110 17.84 -7.67 -4.48
C TYR A 110 17.92 -6.79 -3.24
N THR A 111 18.22 -7.38 -2.09
CA THR A 111 18.41 -6.62 -0.86
C THR A 111 19.80 -6.80 -0.28
N ASP A 112 20.28 -5.76 0.38
CA ASP A 112 21.50 -5.84 1.12
C ASP A 112 21.25 -6.25 2.56
N PRO A 113 22.28 -6.73 3.26
CA PRO A 113 22.16 -6.82 4.74
C PRO A 113 21.95 -5.46 5.35
N PRO A 114 21.24 -5.36 6.48
CA PRO A 114 20.66 -6.44 7.28
C PRO A 114 19.38 -7.08 6.75
N LEU A 115 18.61 -6.40 5.96
CA LEU A 115 17.29 -6.97 5.55
C LEU A 115 17.50 -8.31 4.84
N HIS A 116 18.52 -8.33 3.97
CA HIS A 116 18.79 -9.58 3.26
C HIS A 116 18.86 -10.78 4.22
N ASP A 117 19.55 -10.56 5.32
CA ASP A 117 19.85 -11.65 6.27
C ASP A 117 18.59 -12.09 6.98
N ALA A 118 17.71 -11.15 7.31
CA ALA A 118 16.40 -11.52 7.89
C ALA A 118 15.56 -12.34 6.93
N LEU A 119 15.57 -11.90 5.68
CA LEU A 119 14.82 -12.60 4.64
C LEU A 119 15.38 -14.00 4.42
N ARG A 120 16.72 -14.14 4.39
CA ARG A 120 17.32 -15.44 4.16
C ARG A 120 17.08 -16.37 5.35
N ARG A 121 17.19 -15.86 6.56
CA ARG A 121 16.89 -16.70 7.74
C ARG A 121 15.43 -17.21 7.70
N SER A 122 14.53 -16.40 7.13
CA SER A 122 13.11 -16.76 7.04
C SER A 122 12.75 -17.94 6.20
N VAL A 123 13.68 -18.38 5.35
CA VAL A 123 13.45 -19.53 4.55
C VAL A 123 14.34 -20.71 4.96
N ARG A 124 15.04 -20.57 6.08
CA ARG A 124 15.98 -21.63 6.54
C ARG A 124 15.40 -23.02 6.61
N ALA A 125 14.14 -23.13 7.03
CA ALA A 125 13.50 -24.43 7.23
C ALA A 125 13.48 -25.29 5.96
N GLY A 126 13.42 -24.66 4.78
CA GLY A 126 13.43 -25.47 3.56
C GLY A 126 14.79 -26.09 3.18
N PHE A 127 15.87 -25.66 3.84
CA PHE A 127 17.24 -25.87 3.36
C PHE A 127 18.19 -26.35 4.41
N THR A 128 17.65 -26.94 5.48
CA THR A 128 18.49 -27.41 6.56
C THR A 128 19.33 -28.64 6.10
N ARG A 129 20.26 -29.08 6.95
CA ARG A 129 21.10 -30.27 6.65
C ARG A 129 20.18 -31.46 6.57
N ALA A 130 19.22 -31.57 7.49
CA ALA A 130 18.24 -32.72 7.42
C ALA A 130 17.36 -32.68 6.18
N ALA A 131 16.91 -31.48 5.78
CA ALA A 131 16.14 -31.41 4.57
C ALA A 131 16.94 -31.92 3.38
N HIS A 132 18.22 -31.52 3.25
CA HIS A 132 19.04 -31.97 2.13
C HIS A 132 19.36 -33.45 2.15
N GLN A 133 19.45 -34.05 3.34
CA GLN A 133 19.49 -35.53 3.45
CA GLN A 133 19.53 -35.51 3.40
C GLN A 133 18.31 -36.15 2.72
N HIS A 134 17.11 -35.62 2.97
CA HIS A 134 15.91 -36.09 2.28
C HIS A 134 15.92 -35.80 0.80
N TYR A 135 16.19 -34.56 0.47
CA TYR A 135 16.31 -34.25 -0.98
C TYR A 135 17.32 -35.10 -1.78
N ASP A 136 18.42 -35.50 -1.13
CA ASP A 136 19.35 -36.37 -1.75
C ASP A 136 18.65 -37.65 -2.24
N GLN A 137 17.88 -38.28 -1.35
CA GLN A 137 17.19 -39.50 -1.69
C GLN A 137 16.11 -39.30 -2.75
N VAL A 138 15.32 -38.22 -2.64
CA VAL A 138 14.28 -37.92 -3.64
C VAL A 138 14.87 -37.74 -5.03
N LEU A 139 15.92 -36.91 -5.10
CA LEU A 139 16.50 -36.57 -6.43
C LEU A 139 17.20 -37.81 -7.03
N GLN A 140 17.81 -38.63 -6.17
CA GLN A 140 18.31 -39.88 -6.73
C GLN A 140 17.23 -40.68 -7.49
N LYS A 141 16.10 -40.84 -6.82
CA LYS A 141 14.98 -41.62 -7.36
C LYS A 141 14.35 -40.95 -8.62
N VAL A 142 14.10 -39.65 -8.51
CA VAL A 142 13.50 -38.91 -9.62
C VAL A 142 14.37 -39.03 -10.87
N ALA A 143 15.70 -38.83 -10.74
CA ALA A 143 16.62 -38.95 -11.89
C ALA A 143 16.64 -40.41 -12.44
N HIS A 144 16.72 -41.36 -11.48
CA HIS A 144 16.64 -42.77 -11.81
C HIS A 144 15.44 -43.05 -12.71
N ASP A 145 14.27 -42.54 -12.26
CA ASP A 145 13.01 -42.84 -12.90
C ASP A 145 12.90 -42.23 -14.28
N LEU A 146 13.44 -41.02 -14.41
CA LEU A 146 13.52 -40.33 -15.67
C LEU A 146 14.28 -41.06 -16.68
N VAL A 147 15.50 -41.45 -16.32
CA VAL A 147 16.35 -42.09 -17.28
C VAL A 147 15.79 -43.48 -17.58
N ALA A 148 15.24 -44.12 -16.57
CA ALA A 148 14.72 -45.49 -16.76
C ALA A 148 13.48 -45.52 -17.68
N SER A 149 12.81 -44.37 -17.78
CA SER A 149 11.64 -44.20 -18.67
C SER A 149 11.94 -44.15 -20.15
N ILE A 150 13.21 -43.94 -20.50
CA ILE A 150 13.57 -43.94 -21.91
C ILE A 150 13.42 -45.36 -22.43
N PRO A 151 12.61 -45.52 -23.48
CA PRO A 151 12.32 -46.86 -23.93
C PRO A 151 13.59 -47.52 -24.45
N ALA A 152 13.62 -48.83 -24.35
CA ALA A 152 14.74 -49.66 -24.83
C ALA A 152 15.11 -49.43 -26.29
N GLY A 153 14.11 -49.13 -27.12
CA GLY A 153 14.31 -49.08 -28.58
C GLY A 153 14.82 -47.71 -29.02
N ALA A 154 14.87 -46.77 -28.07
CA ALA A 154 15.39 -45.42 -28.32
C ALA A 154 16.91 -45.43 -28.46
N THR A 155 17.34 -45.10 -29.67
CA THR A 155 18.66 -44.70 -29.90
C THR A 155 18.73 -43.14 -29.95
N GLU A 156 17.72 -42.51 -30.50
CA GLU A 156 17.74 -41.04 -30.65
C GLU A 156 16.78 -40.32 -29.74
N ILE A 157 17.21 -39.15 -29.24
CA ILE A 157 16.41 -38.31 -28.35
C ILE A 157 16.87 -36.87 -28.54
N ASP A 158 15.98 -35.92 -28.39
CA ASP A 158 16.36 -34.52 -28.17
C ASP A 158 16.41 -34.32 -26.67
N ALA A 159 17.61 -34.23 -26.16
CA ALA A 159 17.88 -34.24 -24.71
C ALA A 159 17.38 -32.97 -24.04
N VAL A 160 17.13 -31.86 -24.80
CA VAL A 160 16.50 -30.72 -24.17
C VAL A 160 15.04 -31.03 -23.66
N PRO A 161 14.05 -31.17 -24.56
CA PRO A 161 12.70 -31.48 -24.04
C PRO A 161 12.62 -32.76 -23.23
N ALA A 162 13.32 -33.80 -23.65
CA ALA A 162 13.15 -35.11 -23.01
C ALA A 162 13.71 -35.22 -21.61
N LEU A 163 14.81 -34.48 -21.33
CA LEU A 163 15.57 -34.68 -20.14
C LEU A 163 15.88 -33.39 -19.42
N ALA A 164 16.61 -32.46 -20.09
CA ALA A 164 17.09 -31.28 -19.43
C ALA A 164 15.93 -30.40 -18.94
N ALA A 165 14.90 -30.27 -19.76
CA ALA A 165 13.72 -29.50 -19.35
C ALA A 165 12.81 -30.23 -18.41
N GLU A 166 12.88 -31.53 -18.45
CA GLU A 166 11.95 -32.42 -17.71
C GLU A 166 12.40 -32.62 -16.26
N LEU A 167 13.68 -32.91 -16.01
CA LEU A 167 14.14 -33.14 -14.68
C LEU A 167 13.87 -31.99 -13.72
N PRO A 168 14.07 -30.74 -14.11
CA PRO A 168 13.88 -29.68 -13.19
C PRO A 168 12.36 -29.58 -12.80
N VAL A 169 11.49 -29.94 -13.70
CA VAL A 169 9.99 -29.92 -13.44
C VAL A 169 9.69 -30.98 -12.46
N ARG A 170 10.24 -32.18 -12.65
CA ARG A 170 10.04 -33.29 -11.70
C ARG A 170 10.65 -32.99 -10.32
N SER A 171 11.75 -32.27 -10.28
CA SER A 171 12.40 -31.85 -9.03
CA SER A 171 12.35 -31.95 -9.01
C SER A 171 11.54 -30.81 -8.33
N ALA A 172 11.00 -29.88 -9.12
CA ALA A 172 10.07 -28.84 -8.59
C ALA A 172 8.92 -29.48 -7.87
N VAL A 173 8.38 -30.53 -8.46
CA VAL A 173 7.24 -31.29 -7.91
C VAL A 173 7.64 -32.06 -6.65
N HIS A 174 8.64 -32.94 -6.79
CA HIS A 174 8.96 -33.92 -5.78
C HIS A 174 9.87 -33.49 -4.66
N ALA A 175 10.72 -32.52 -4.92
CA ALA A 175 11.64 -32.03 -3.90
C ALA A 175 11.16 -30.65 -3.36
N PHE A 176 10.74 -29.73 -4.27
CA PHE A 176 10.25 -28.44 -3.84
C PHE A 176 8.80 -28.40 -3.41
N GLY A 177 7.95 -29.26 -3.94
CA GLY A 177 6.58 -29.28 -3.46
C GLY A 177 5.62 -28.54 -4.32
N VAL A 178 6.01 -28.12 -5.53
CA VAL A 178 5.06 -27.47 -6.39
C VAL A 178 4.01 -28.50 -6.83
N PRO A 179 2.72 -28.20 -6.62
CA PRO A 179 1.73 -29.21 -7.00
C PRO A 179 1.78 -29.47 -8.51
N GLU A 180 1.83 -30.74 -8.88
CA GLU A 180 1.85 -31.09 -10.31
C GLU A 180 0.68 -30.47 -11.09
N GLU A 181 -0.48 -30.44 -10.46
CA GLU A 181 -1.67 -29.89 -11.08
C GLU A 181 -1.62 -28.41 -11.37
N ASP A 182 -0.70 -27.72 -10.72
CA ASP A 182 -0.50 -26.27 -10.92
C ASP A 182 0.61 -25.86 -11.97
N LEU A 183 1.25 -26.86 -12.57
CA LEU A 183 2.35 -26.58 -13.50
C LEU A 183 1.87 -25.81 -14.72
N GLY A 184 0.66 -26.07 -15.18
CA GLY A 184 0.13 -25.32 -16.34
C GLY A 184 -0.09 -23.83 -16.07
N PHE A 185 -0.32 -23.48 -14.81
CA PHE A 185 -0.45 -22.05 -14.40
C PHE A 185 0.91 -21.38 -14.32
N LEU A 186 1.87 -22.12 -13.75
CA LEU A 186 3.22 -21.59 -13.44
C LEU A 186 4.21 -21.50 -14.64
N ILE A 187 4.32 -22.56 -15.41
CA ILE A 187 5.45 -22.68 -16.35
C ILE A 187 5.36 -21.56 -17.40
N PRO A 188 4.15 -21.34 -18.00
CA PRO A 188 4.10 -20.26 -19.01
C PRO A 188 4.32 -18.86 -18.40
N ARG A 189 3.88 -18.67 -17.17
CA ARG A 189 4.00 -17.37 -16.50
C ARG A 189 5.48 -17.08 -16.17
N VAL A 190 6.20 -18.11 -15.70
CA VAL A 190 7.63 -17.91 -15.43
C VAL A 190 8.40 -17.70 -16.76
N ASN A 191 8.04 -18.40 -17.83
CA ASN A 191 8.64 -18.15 -19.12
C ASN A 191 8.47 -16.74 -19.57
N THR A 192 7.28 -16.20 -19.37
CA THR A 192 7.03 -14.81 -19.75
C THR A 192 7.84 -13.82 -18.89
N ILE A 193 7.85 -13.99 -17.58
CA ILE A 193 8.59 -13.15 -16.67
C ILE A 193 10.10 -13.19 -17.03
N MET A 194 10.57 -14.40 -17.33
CA MET A 194 11.99 -14.55 -17.56
C MET A 194 12.46 -13.80 -18.84
N THR A 195 11.56 -13.36 -19.74
CA THR A 195 11.96 -12.52 -20.86
C THR A 195 12.48 -11.22 -20.39
N TYR A 196 12.17 -10.81 -19.12
CA TYR A 196 12.89 -9.67 -18.58
C TYR A 196 14.41 -9.76 -18.81
N PHE A 197 14.91 -10.97 -18.54
CA PHE A 197 16.32 -11.25 -18.53
C PHE A 197 16.77 -11.81 -19.87
N SER A 198 16.64 -11.00 -20.91
CA SER A 198 16.94 -11.37 -22.31
C SER A 198 18.29 -10.88 -22.82
N GLY A 199 19.10 -10.34 -21.94
CA GLY A 199 20.42 -9.80 -22.33
C GLY A 199 20.32 -8.55 -23.19
N PRO A 200 21.37 -8.26 -23.99
CA PRO A 200 21.45 -6.94 -24.65
C PRO A 200 20.79 -6.97 -26.00
N LYS A 201 19.51 -7.24 -25.99
CA LYS A 201 18.65 -7.28 -27.12
C LYS A 201 17.24 -6.68 -26.75
N ASP A 202 16.45 -6.42 -27.77
CA ASP A 202 15.13 -5.83 -27.57
C ASP A 202 14.23 -6.75 -26.67
N GLN A 203 13.39 -6.16 -25.83
CA GLN A 203 12.61 -6.94 -24.91
C GLN A 203 11.50 -7.55 -25.70
N PRO A 204 11.34 -8.88 -25.62
CA PRO A 204 10.33 -9.45 -26.52
C PRO A 204 8.89 -9.34 -26.03
N VAL A 205 8.72 -8.99 -24.75
CA VAL A 205 7.39 -8.92 -24.10
C VAL A 205 7.35 -7.59 -23.35
N THR A 206 6.21 -6.91 -23.42
CA THR A 206 6.10 -5.58 -22.86
C THR A 206 6.22 -5.67 -21.35
N GLN A 207 6.61 -4.54 -20.75
CA GLN A 207 6.65 -4.41 -19.28
C GLN A 207 5.30 -4.69 -18.60
N GLU A 208 4.26 -4.19 -19.23
CA GLU A 208 2.91 -4.32 -18.72
C GLU A 208 2.55 -5.84 -18.52
N ILE A 209 2.85 -6.61 -19.54
CA ILE A 209 2.52 -8.02 -19.45
C ILE A 209 3.38 -8.75 -18.40
N ILE A 210 4.68 -8.45 -18.34
CA ILE A 210 5.55 -9.02 -17.29
C ILE A 210 4.99 -8.73 -15.89
N LEU A 211 4.48 -7.51 -15.70
CA LEU A 211 4.05 -7.14 -14.35
C LEU A 211 2.80 -7.90 -14.02
N GLU A 212 1.94 -8.11 -15.02
CA GLU A 212 0.73 -8.90 -14.79
C GLU A 212 1.07 -10.30 -14.37
N LYS A 213 2.01 -10.95 -15.00
CA LYS A 213 2.37 -12.26 -14.63
C LYS A 213 3.10 -12.30 -13.27
N LEU A 214 3.92 -11.32 -12.96
CA LEU A 214 4.56 -11.26 -11.65
C LEU A 214 3.47 -11.16 -10.50
N THR A 215 2.46 -10.32 -10.78
CA THR A 215 1.29 -10.20 -9.87
C THR A 215 0.57 -11.51 -9.73
N ASP A 216 0.29 -12.18 -10.86
CA ASP A 216 -0.30 -13.52 -10.83
C ASP A 216 0.47 -14.49 -9.95
N LEU A 217 1.81 -14.50 -10.02
CA LEU A 217 2.60 -15.41 -9.16
C LEU A 217 2.45 -15.14 -7.68
N HIS A 218 2.26 -13.84 -7.31
CA HIS A 218 2.03 -13.47 -5.90
C HIS A 218 0.63 -13.94 -5.46
N THR A 219 -0.33 -13.84 -6.34
CA THR A 219 -1.71 -14.26 -6.00
C THR A 219 -1.75 -15.78 -5.76
N TYR A 220 -1.06 -16.47 -6.65
CA TYR A 220 -0.92 -17.91 -6.62
C TYR A 220 -0.18 -18.31 -5.34
N ALA A 221 0.98 -17.69 -5.04
CA ALA A 221 1.77 -18.08 -3.86
C ALA A 221 0.92 -17.98 -2.57
N SER A 222 0.22 -16.86 -2.47
CA SER A 222 -0.62 -16.57 -1.28
C SER A 222 -1.74 -17.62 -1.18
N GLU A 223 -2.39 -17.87 -2.30
CA GLU A 223 -3.50 -18.82 -2.35
C GLU A 223 -3.04 -20.25 -2.12
N LEU A 224 -1.85 -20.57 -2.62
CA LEU A 224 -1.26 -21.89 -2.38
C LEU A 224 -1.13 -22.15 -0.87
N LEU A 225 -0.54 -21.22 -0.13
CA LEU A 225 -0.37 -21.37 1.32
C LEU A 225 -1.71 -21.46 2.09
N GLN A 226 -2.72 -20.78 1.56
CA GLN A 226 -4.06 -20.77 2.14
C GLN A 226 -4.85 -22.05 1.87
N GLY A 227 -4.30 -22.92 0.98
CA GLY A 227 -4.96 -24.12 0.58
C GLY A 227 -6.03 -23.99 -0.44
N MET A 228 -5.92 -22.95 -1.27
CA MET A 228 -6.86 -22.68 -2.34
C MET A 228 -6.42 -23.18 -3.69
N ARG A 229 -5.16 -23.63 -3.80
CA ARG A 229 -4.61 -24.18 -5.06
C ARG A 229 -4.34 -25.69 -4.97
N GLY A 230 -3.23 -26.17 -5.47
CA GLY A 230 -2.97 -27.60 -5.43
C GLY A 230 -2.48 -28.09 -4.08
N LYS A 231 -2.18 -29.38 -4.07
CA LYS A 231 -1.72 -30.07 -2.91
C LYS A 231 -0.19 -30.23 -2.95
N VAL A 232 0.44 -29.69 -1.92
CA VAL A 232 1.88 -29.66 -1.77
C VAL A 232 2.33 -30.98 -1.16
N LEU A 233 3.24 -31.69 -1.80
CA LEU A 233 3.71 -32.99 -1.27
CA LEU A 233 3.66 -32.98 -1.26
C LEU A 233 4.42 -32.77 0.06
N PRO A 234 4.31 -33.74 1.01
CA PRO A 234 4.98 -33.52 2.29
C PRO A 234 6.50 -33.61 2.20
N ASP A 235 7.16 -32.94 3.16
CA ASP A 235 8.62 -33.02 3.41
C ASP A 235 9.46 -32.35 2.27
N THR A 236 8.77 -31.62 1.43
CA THR A 236 9.38 -30.82 0.32
C THR A 236 9.76 -29.44 0.90
N VAL A 237 10.47 -28.69 0.08
CA VAL A 237 10.88 -27.33 0.47
C VAL A 237 9.60 -26.55 0.90
N ILE A 238 8.61 -26.52 0.04
CA ILE A 238 7.44 -25.64 0.24
CA ILE A 238 7.46 -25.64 0.25
C ILE A 238 6.67 -26.12 1.48
N ALA A 239 6.53 -27.44 1.65
CA ALA A 239 5.90 -27.94 2.90
C ALA A 239 6.62 -27.43 4.14
N ARG A 240 7.94 -27.43 4.13
CA ARG A 240 8.74 -27.00 5.27
C ARG A 240 8.60 -25.49 5.47
N LEU A 241 8.61 -24.74 4.38
CA LEU A 241 8.39 -23.29 4.51
C LEU A 241 7.00 -22.96 5.05
N ALA A 242 5.99 -23.69 4.58
CA ALA A 242 4.60 -23.46 5.03
C ALA A 242 4.50 -23.67 6.53
N ALA A 243 5.16 -24.71 7.04
CA ALA A 243 5.08 -25.04 8.45
C ALA A 243 5.83 -24.06 9.34
N ALA A 244 6.78 -23.36 8.75
CA ALA A 244 7.63 -22.43 9.46
C ALA A 244 6.94 -21.11 9.66
N GLN A 245 5.81 -20.88 8.96
CA GLN A 245 5.29 -19.50 8.91
C GLN A 245 4.82 -19.04 10.28
N ASP A 246 4.20 -19.91 11.08
CA ASP A 246 3.69 -19.45 12.40
C ASP A 246 4.76 -18.92 13.35
N GLY A 247 5.97 -19.43 13.22
CA GLY A 247 7.08 -19.07 14.06
C GLY A 247 7.98 -17.93 13.63
N LEU A 248 7.76 -17.38 12.43
CA LEU A 248 8.56 -16.24 11.94
C LEU A 248 8.35 -14.98 12.76
N THR A 249 9.46 -14.32 13.09
CA THR A 249 9.41 -13.16 13.94
C THR A 249 9.98 -11.89 13.37
N GLU A 250 10.70 -11.95 12.25
CA GLU A 250 11.37 -10.74 11.82
C GLU A 250 11.01 -10.38 10.41
N THR A 251 10.06 -11.13 9.84
CA THR A 251 9.56 -10.88 8.50
C THR A 251 8.02 -11.02 8.45
N THR A 252 7.41 -10.51 7.40
CA THR A 252 5.94 -10.43 7.35
C THR A 252 5.38 -11.45 6.40
N PRO A 253 4.06 -11.67 6.44
CA PRO A 253 3.44 -12.58 5.48
C PRO A 253 3.63 -12.13 4.03
N GLU A 254 3.54 -10.82 3.77
CA GLU A 254 3.82 -10.32 2.42
C GLU A 254 5.22 -10.76 1.96
N GLN A 255 6.19 -10.66 2.86
CA GLN A 255 7.55 -11.03 2.54
C GLN A 255 7.68 -12.50 2.19
N THR A 256 6.96 -13.44 2.87
CA THR A 256 6.95 -14.80 2.42
C THR A 256 6.42 -14.91 0.98
N VAL A 257 5.37 -14.17 0.66
CA VAL A 257 4.75 -14.27 -0.64
C VAL A 257 5.73 -13.74 -1.71
N HIS A 258 6.42 -12.63 -1.42
CA HIS A 258 7.40 -12.10 -2.39
C HIS A 258 8.43 -13.19 -2.61
N GLN A 259 8.93 -13.79 -1.53
CA GLN A 259 10.02 -14.79 -1.62
C GLN A 259 9.59 -16.05 -2.35
N LEU A 260 8.34 -16.47 -2.20
CA LEU A 260 7.86 -17.61 -2.94
C LEU A 260 7.78 -17.29 -4.40
N ALA A 261 7.38 -16.06 -4.76
CA ALA A 261 7.34 -15.71 -6.16
C ALA A 261 8.77 -15.80 -6.80
N LEU A 262 9.77 -15.41 -6.04
CA LEU A 262 11.15 -15.51 -6.51
C LEU A 262 11.50 -16.98 -6.66
N VAL A 263 11.12 -17.80 -5.67
CA VAL A 263 11.38 -19.23 -5.76
C VAL A 263 10.75 -19.87 -7.01
N PHE A 264 9.51 -19.55 -7.37
CA PHE A 264 8.87 -20.12 -8.53
C PHE A 264 9.63 -19.65 -9.75
N ILE A 265 10.06 -18.37 -9.77
CA ILE A 265 10.75 -17.88 -10.98
C ILE A 265 12.07 -18.66 -11.15
N ALA A 266 12.83 -18.79 -10.07
CA ALA A 266 14.08 -19.55 -10.11
C ALA A 266 13.85 -21.01 -10.44
N LEU A 267 12.80 -21.63 -9.93
CA LEU A 267 12.55 -23.07 -10.15
C LEU A 267 12.31 -23.36 -11.62
N PHE A 268 11.62 -22.47 -12.31
CA PHE A 268 11.18 -22.66 -13.70
C PHE A 268 11.99 -21.90 -14.74
N ALA A 269 13.01 -21.20 -14.27
CA ALA A 269 14.00 -20.52 -15.15
C ALA A 269 14.80 -21.58 -15.93
N PRO A 270 15.37 -21.14 -17.08
CA PRO A 270 16.22 -21.99 -17.91
C PRO A 270 17.56 -22.30 -17.31
N THR A 271 17.84 -21.92 -16.06
CA THR A 271 19.13 -22.20 -15.43
C THR A 271 19.42 -23.66 -15.27
N THR A 272 18.52 -24.37 -14.60
CA THR A 272 18.72 -25.81 -14.34
C THR A 272 18.68 -26.58 -15.69
N PRO A 273 17.71 -26.37 -16.57
CA PRO A 273 17.76 -27.07 -17.91
C PRO A 273 19.06 -26.76 -18.64
N GLY A 274 19.52 -25.51 -18.63
CA GLY A 274 20.81 -25.18 -19.36
C GLY A 274 21.97 -25.94 -18.78
N SER A 275 22.06 -26.09 -17.46
CA SER A 275 23.17 -26.78 -16.83
C SER A 275 23.10 -28.23 -17.23
N LEU A 276 21.92 -28.85 -17.18
CA LEU A 276 21.75 -30.24 -17.50
C LEU A 276 22.17 -30.46 -19.00
N SER A 277 21.64 -29.67 -19.95
CA SER A 277 21.86 -29.90 -21.36
C SER A 277 23.30 -29.55 -21.73
N SER A 278 23.87 -28.47 -21.21
CA SER A 278 25.25 -28.14 -21.60
C SER A 278 26.21 -29.22 -21.06
N GLY A 279 26.00 -29.71 -19.85
CA GLY A 279 26.82 -30.82 -19.31
C GLY A 279 26.66 -32.07 -20.15
N THR A 280 25.42 -32.37 -20.58
CA THR A 280 25.18 -33.56 -21.44
C THR A 280 25.99 -33.39 -22.77
N LEU A 281 25.97 -32.19 -23.34
CA LEU A 281 26.72 -31.93 -24.59
C LEU A 281 28.21 -32.15 -24.29
N ALA A 282 28.70 -31.68 -23.16
CA ALA A 282 30.10 -31.82 -22.77
C ALA A 282 30.51 -33.27 -22.72
N PHE A 283 29.67 -34.13 -22.15
CA PHE A 283 29.96 -35.54 -22.09
C PHE A 283 29.95 -36.14 -23.49
N ALA A 284 28.94 -35.81 -24.30
CA ALA A 284 28.78 -36.29 -25.63
C ALA A 284 30.01 -35.98 -26.48
N ARG A 285 30.64 -34.81 -26.24
CA ARG A 285 31.80 -34.34 -27.06
C ARG A 285 33.10 -34.82 -26.48
N ASN A 286 33.11 -35.34 -25.25
CA ASN A 286 34.33 -35.73 -24.49
C ASN A 286 34.16 -37.13 -23.92
N PRO A 287 34.17 -38.16 -24.80
CA PRO A 287 33.90 -39.51 -24.31
C PRO A 287 34.88 -39.99 -23.25
N ARG A 288 36.11 -39.52 -23.21
CA ARG A 288 37.05 -39.99 -22.20
CA ARG A 288 37.11 -39.91 -22.19
C ARG A 288 36.64 -39.52 -20.80
N GLN A 289 35.87 -38.38 -20.73
CA GLN A 289 35.28 -37.92 -19.48
C GLN A 289 34.18 -38.87 -18.96
N VAL A 290 33.41 -39.47 -19.86
CA VAL A 290 32.44 -40.53 -19.52
C VAL A 290 33.22 -41.65 -18.87
N GLU A 291 34.36 -41.99 -19.48
CA GLU A 291 35.20 -43.12 -18.97
C GLU A 291 35.69 -42.77 -17.59
N ARG A 292 36.13 -41.56 -17.36
CA ARG A 292 36.61 -41.08 -16.04
C ARG A 292 35.47 -41.18 -15.01
N PHE A 293 34.29 -40.70 -15.42
CA PHE A 293 33.11 -40.70 -14.56
C PHE A 293 32.85 -42.14 -14.08
N LEU A 294 32.89 -43.07 -15.02
CA LEU A 294 32.59 -44.47 -14.70
C LEU A 294 33.74 -45.23 -14.00
N ALA A 295 34.89 -44.65 -13.91
CA ALA A 295 36.04 -45.26 -13.29
C ALA A 295 36.32 -44.78 -11.86
N ASP A 296 36.01 -43.52 -11.57
CA ASP A 296 36.53 -42.91 -10.38
C ASP A 296 35.37 -42.10 -9.76
N GLN A 297 35.03 -42.47 -8.52
CA GLN A 297 34.03 -41.74 -7.73
C GLN A 297 34.39 -40.28 -7.47
N ALA A 298 35.70 -39.96 -7.37
CA ALA A 298 36.01 -38.57 -7.25
C ALA A 298 35.59 -37.82 -8.46
N CYS A 299 35.52 -38.43 -9.61
CA CYS A 299 35.05 -37.67 -10.85
C CYS A 299 33.52 -37.54 -10.85
N VAL A 300 32.76 -38.53 -10.38
CA VAL A 300 31.36 -38.32 -10.09
C VAL A 300 31.18 -37.13 -9.17
N ASP A 301 31.87 -37.15 -8.05
CA ASP A 301 31.69 -36.12 -7.03
C ASP A 301 32.01 -34.74 -7.51
N ASN A 302 32.82 -34.61 -8.56
CA ASN A 302 33.17 -33.30 -9.15
C ASN A 302 32.34 -32.93 -10.38
N THR A 303 31.49 -33.84 -10.82
CA THR A 303 30.72 -33.60 -12.04
C THR A 303 29.85 -32.35 -12.00
N ALA A 304 29.07 -32.20 -10.91
CA ALA A 304 28.17 -31.01 -10.85
C ALA A 304 28.99 -29.73 -11.01
N ASN A 305 30.06 -29.65 -10.25
CA ASN A 305 30.87 -28.41 -10.31
C ASN A 305 31.57 -28.21 -11.65
N GLU A 306 32.20 -29.26 -12.23
CA GLU A 306 32.73 -29.03 -13.52
C GLU A 306 31.71 -28.71 -14.60
N VAL A 307 30.49 -29.27 -14.56
CA VAL A 307 29.46 -28.93 -15.48
C VAL A 307 29.05 -27.41 -15.30
N LEU A 308 28.88 -27.03 -14.01
CA LEU A 308 28.50 -25.67 -13.72
C LEU A 308 29.58 -24.70 -14.09
N ARG A 309 30.85 -25.08 -13.90
CA ARG A 309 31.95 -24.17 -14.32
C ARG A 309 31.94 -24.05 -15.87
N TYR A 310 31.77 -25.20 -16.54
CA TYR A 310 31.97 -25.23 -17.98
C TYR A 310 31.06 -24.31 -18.75
N ASN A 311 29.84 -24.15 -18.26
CA ASN A 311 28.86 -23.23 -18.86
C ASN A 311 28.01 -22.67 -17.76
N ALA A 312 28.25 -21.44 -17.39
CA ALA A 312 27.32 -20.75 -16.42
C ALA A 312 25.99 -20.54 -17.16
N SER A 313 24.90 -21.02 -16.58
CA SER A 313 23.61 -20.76 -17.23
C SER A 313 23.27 -19.24 -17.18
N ASN A 314 23.49 -18.62 -16.01
CA ASN A 314 23.36 -17.17 -15.91
C ASN A 314 24.73 -16.58 -16.21
N GLN A 315 24.89 -16.08 -17.43
CA GLN A 315 26.25 -15.79 -17.90
C GLN A 315 26.74 -14.49 -17.32
N PHE A 316 25.82 -13.57 -16.98
CA PHE A 316 26.20 -12.33 -16.25
C PHE A 316 25.10 -11.98 -15.24
N THR A 317 25.53 -11.36 -14.16
CA THR A 317 24.61 -10.89 -13.12
C THR A 317 24.91 -9.44 -12.87
N TRP A 318 23.88 -8.75 -12.38
CA TRP A 318 23.93 -7.28 -12.26
C TRP A 318 24.30 -6.81 -10.87
N ARG A 319 24.94 -5.66 -10.77
CA ARG A 319 25.21 -4.95 -9.57
C ARG A 319 25.14 -3.45 -9.85
N VAL A 320 24.96 -2.67 -8.81
CA VAL A 320 25.15 -1.22 -8.90
C VAL A 320 26.27 -0.76 -7.97
N ALA A 321 26.99 0.28 -8.40
CA ALA A 321 28.01 0.90 -7.57
C ALA A 321 27.35 1.79 -6.50
N ALA A 322 27.48 1.41 -5.25
CA ALA A 322 26.96 2.24 -4.15
C ALA A 322 27.98 3.30 -3.80
N LYS A 323 29.25 3.00 -4.12
CA LYS A 323 30.32 3.99 -4.02
C LYS A 323 31.22 3.86 -5.25
N ASP A 324 32.07 4.85 -5.46
CA ASP A 324 33.01 4.79 -6.56
C ASP A 324 33.90 3.57 -6.31
N VAL A 325 34.21 2.82 -7.38
CA VAL A 325 35.15 1.76 -7.35
C VAL A 325 36.06 1.82 -8.57
N GLU A 326 37.23 1.24 -8.43
CA GLU A 326 38.22 1.16 -9.55
C GLU A 326 38.40 -0.30 -9.91
N MET A 327 38.08 -0.68 -11.12
CA MET A 327 38.18 -2.03 -11.57
C MET A 327 38.75 -2.00 -12.99
N GLY A 328 39.77 -2.80 -13.25
CA GLY A 328 40.30 -2.97 -14.61
C GLY A 328 40.78 -1.66 -15.24
N GLY A 329 41.29 -0.76 -14.39
CA GLY A 329 41.79 0.53 -14.86
C GLY A 329 40.72 1.57 -15.13
N VAL A 330 39.48 1.20 -14.78
CA VAL A 330 38.30 2.07 -14.98
C VAL A 330 37.79 2.52 -13.61
N ARG A 331 37.56 3.82 -13.50
CA ARG A 331 36.80 4.43 -12.40
C ARG A 331 35.32 4.40 -12.64
N ILE A 332 34.66 3.50 -11.94
CA ILE A 332 33.21 3.40 -11.98
C ILE A 332 32.57 4.24 -10.86
N GLU A 333 31.73 5.18 -11.25
CA GLU A 333 31.12 6.13 -10.33
C GLU A 333 29.95 5.57 -9.63
N ALA A 334 29.78 5.99 -8.38
CA ALA A 334 28.65 5.64 -7.63
C ALA A 334 27.41 5.87 -8.48
N GLY A 335 26.49 4.90 -8.42
CA GLY A 335 25.27 4.94 -9.23
C GLY A 335 25.26 4.23 -10.59
N GLN A 336 26.42 3.95 -11.13
CA GLN A 336 26.58 3.25 -12.39
C GLN A 336 26.31 1.74 -12.17
N THR A 337 25.91 1.13 -13.26
CA THR A 337 25.52 -0.26 -13.28
C THR A 337 26.67 -1.16 -13.78
N LEU A 338 26.79 -2.38 -13.25
CA LEU A 338 27.82 -3.34 -13.62
C LEU A 338 27.16 -4.63 -14.01
N ALA A 339 27.77 -5.30 -15.01
CA ALA A 339 27.40 -6.63 -15.47
C ALA A 339 28.59 -7.54 -15.20
N LEU A 340 28.49 -8.43 -14.20
CA LEU A 340 29.56 -9.31 -13.83
C LEU A 340 29.41 -10.63 -14.62
N PHE A 341 30.31 -10.82 -15.60
CA PHE A 341 30.25 -11.97 -16.52
C PHE A 341 30.82 -13.23 -15.87
N LEU A 342 29.98 -13.87 -15.06
CA LEU A 342 30.24 -15.17 -14.43
C LEU A 342 30.70 -16.21 -15.46
N GLY A 343 30.09 -16.19 -16.64
CA GLY A 343 30.43 -17.11 -17.70
C GLY A 343 31.85 -16.94 -18.23
N SER A 344 32.34 -15.71 -18.26
CA SER A 344 33.73 -15.46 -18.66
C SER A 344 34.67 -15.82 -17.53
N ALA A 345 34.30 -15.46 -16.29
CA ALA A 345 35.12 -15.75 -15.15
C ALA A 345 35.44 -17.27 -15.08
N ASN A 346 34.42 -18.06 -15.36
CA ASN A 346 34.49 -19.52 -15.24
C ASN A 346 35.50 -20.10 -16.23
N ARG A 347 35.77 -19.36 -17.30
CA ARG A 347 36.76 -19.87 -18.30
C ARG A 347 37.98 -18.97 -18.35
N ASP A 348 38.31 -18.28 -17.27
CA ASP A 348 39.50 -17.42 -17.22
C ASP A 348 40.68 -18.33 -16.93
N ALA A 349 41.61 -18.41 -17.87
CA ALA A 349 42.79 -19.28 -17.79
C ALA A 349 43.72 -18.93 -16.63
N ASN A 350 43.60 -17.73 -16.10
CA ASN A 350 44.39 -17.38 -14.93
C ASN A 350 43.94 -18.11 -13.63
N MET A 351 42.69 -18.56 -13.59
CA MET A 351 42.11 -19.32 -12.49
C MET A 351 41.96 -20.82 -12.83
N PHE A 352 41.56 -21.09 -14.05
CA PHE A 352 41.30 -22.46 -14.54
C PHE A 352 42.20 -22.75 -15.73
N GLU A 353 43.30 -23.42 -15.50
CA GLU A 353 44.25 -23.76 -16.59
C GLU A 353 43.55 -24.64 -17.62
N ARG A 354 43.82 -24.35 -18.88
CA ARG A 354 43.13 -25.01 -20.00
C ARG A 354 41.62 -24.94 -19.76
N PRO A 355 41.10 -23.70 -19.71
CA PRO A 355 39.71 -23.53 -19.22
C PRO A 355 38.68 -24.10 -20.16
N ASN A 356 39.00 -24.28 -21.46
CA ASN A 356 38.07 -24.88 -22.37
C ASN A 356 38.06 -26.43 -22.35
N ASP A 357 38.85 -27.04 -21.46
CA ASP A 357 38.80 -28.49 -21.23
C ASP A 357 37.69 -28.78 -20.25
N PHE A 358 36.79 -29.65 -20.65
CA PHE A 358 35.80 -30.23 -19.71
C PHE A 358 36.53 -31.38 -19.00
N ASP A 359 36.86 -31.18 -17.73
CA ASP A 359 37.81 -32.05 -17.04
C ASP A 359 37.36 -32.42 -15.68
N LEU A 360 36.91 -33.67 -15.52
CA LEU A 360 36.36 -34.08 -14.21
C LEU A 360 37.44 -34.19 -13.11
N ASP A 361 38.69 -34.27 -13.52
CA ASP A 361 39.82 -34.31 -12.65
C ASP A 361 40.35 -32.96 -12.28
N ARG A 362 39.73 -31.92 -12.84
CA ARG A 362 40.14 -30.57 -12.46
C ARG A 362 40.04 -30.39 -10.93
N PRO A 363 41.08 -29.86 -10.28
CA PRO A 363 41.11 -29.83 -8.78
C PRO A 363 40.38 -28.69 -8.11
N ASN A 364 40.05 -27.64 -8.89
CA ASN A 364 39.37 -26.48 -8.31
C ASN A 364 38.04 -26.11 -8.98
N SER A 365 37.31 -27.07 -9.57
CA SER A 365 36.03 -26.78 -10.20
C SER A 365 35.04 -26.06 -9.23
N ALA A 366 35.14 -26.38 -7.95
CA ALA A 366 34.23 -25.74 -6.93
C ALA A 366 34.38 -24.21 -6.83
N ARG A 367 35.43 -23.70 -7.37
CA ARG A 367 35.68 -22.26 -7.37
C ARG A 367 34.88 -21.51 -8.41
N HIS A 368 34.03 -22.21 -9.19
CA HIS A 368 33.22 -21.51 -10.20
C HIS A 368 32.28 -20.49 -9.60
N LEU A 369 31.80 -19.60 -10.44
CA LEU A 369 30.91 -18.52 -9.99
C LEU A 369 29.48 -18.70 -10.48
N SER A 370 29.09 -19.90 -10.94
CA SER A 370 27.77 -20.09 -11.54
C SER A 370 26.62 -19.91 -10.55
N PHE A 371 26.93 -20.04 -9.25
CA PHE A 371 25.96 -19.83 -8.19
C PHE A 371 26.25 -18.49 -7.50
N GLY A 372 27.08 -17.62 -8.08
CA GLY A 372 27.53 -16.48 -7.33
C GLY A 372 28.45 -16.84 -6.21
N GLN A 373 28.62 -15.90 -5.29
CA GLN A 373 29.56 -16.01 -4.20
C GLN A 373 29.22 -15.01 -3.11
N GLY A 374 29.43 -15.42 -1.86
CA GLY A 374 29.19 -14.55 -0.69
C GLY A 374 27.74 -14.42 -0.30
N VAL A 375 27.33 -13.19 -0.02
CA VAL A 375 26.00 -12.94 0.60
C VAL A 375 24.83 -13.59 -0.15
N HIS A 376 24.88 -13.52 -1.48
CA HIS A 376 23.75 -13.96 -2.33
C HIS A 376 23.96 -15.29 -3.05
N ALA A 377 24.95 -16.06 -2.57
CA ALA A 377 25.24 -17.35 -3.17
C ALA A 377 23.97 -18.20 -3.24
N CYS A 378 23.74 -18.86 -4.36
CA CYS A 378 22.48 -19.49 -4.66
C CYS A 378 21.95 -20.33 -3.46
N LEU A 379 20.72 -20.01 -3.08
CA LEU A 379 20.03 -20.70 -1.97
C LEU A 379 19.87 -22.19 -2.26
N ALA A 380 19.72 -22.51 -3.54
CA ALA A 380 19.48 -23.87 -4.00
C ALA A 380 20.78 -24.61 -4.45
N ALA A 381 21.96 -24.12 -4.09
CA ALA A 381 23.18 -24.58 -4.67
C ALA A 381 23.27 -26.12 -4.43
N GLN A 382 23.07 -26.57 -3.19
CA GLN A 382 23.22 -28.04 -2.91
C GLN A 382 22.13 -28.90 -3.56
N LEU A 383 20.90 -28.37 -3.59
CA LEU A 383 19.79 -28.99 -4.27
C LEU A 383 20.12 -29.22 -5.72
N ILE A 384 20.65 -28.18 -6.37
CA ILE A 384 20.93 -28.31 -7.80
C ILE A 384 22.15 -29.24 -8.03
N SER A 385 23.16 -29.16 -7.17
CA SER A 385 24.31 -30.07 -7.34
C SER A 385 23.89 -31.52 -7.16
N LEU A 386 22.94 -31.78 -6.25
CA LEU A 386 22.38 -33.12 -6.12
C LEU A 386 21.62 -33.56 -7.38
N GLN A 387 20.85 -32.64 -7.95
CA GLN A 387 20.10 -32.91 -9.14
C GLN A 387 20.99 -33.27 -10.31
N LEU A 388 22.04 -32.45 -10.51
CA LEU A 388 23.00 -32.74 -11.53
C LEU A 388 23.68 -34.10 -11.28
N LYS A 389 24.25 -34.30 -10.10
CA LYS A 389 25.00 -35.54 -9.78
C LYS A 389 24.10 -36.73 -10.18
N TRP A 390 22.88 -36.75 -9.63
CA TRP A 390 22.06 -37.92 -9.85
C TRP A 390 21.62 -38.15 -11.28
N PHE A 391 21.45 -37.05 -12.02
CA PHE A 391 21.13 -37.13 -13.41
C PHE A 391 22.20 -37.87 -14.17
N TYR A 392 23.45 -37.41 -14.00
CA TYR A 392 24.55 -37.95 -14.75
C TYR A 392 24.83 -39.38 -14.26
N VAL A 393 24.66 -39.65 -12.97
CA VAL A 393 24.77 -41.04 -12.49
C VAL A 393 23.84 -41.97 -13.28
N ALA A 394 22.56 -41.59 -13.35
CA ALA A 394 21.58 -42.41 -14.04
C ALA A 394 21.93 -42.46 -15.54
N LEU A 395 22.14 -41.27 -16.14
CA LEU A 395 22.26 -41.27 -17.60
C LEU A 395 23.49 -42.06 -18.08
N LEU A 396 24.65 -41.83 -17.43
CA LEU A 396 25.87 -42.31 -18.03
C LEU A 396 26.07 -43.79 -17.75
N ASN A 397 25.53 -44.30 -16.64
CA ASN A 397 25.61 -45.77 -16.43
C ASN A 397 24.62 -46.52 -17.29
N ARG A 398 23.55 -45.87 -17.74
CA ARG A 398 22.65 -46.45 -18.71
C ARG A 398 23.16 -46.39 -20.13
N PHE A 399 23.59 -45.18 -20.53
CA PHE A 399 23.94 -44.84 -21.91
C PHE A 399 25.34 -44.22 -21.94
N PRO A 400 26.35 -45.02 -21.65
CA PRO A 400 27.72 -44.44 -21.68
C PRO A 400 28.22 -43.96 -23.10
N GLY A 401 27.55 -44.42 -24.13
CA GLY A 401 27.98 -44.11 -25.51
C GLY A 401 27.31 -42.91 -26.16
N ILE A 402 26.70 -42.05 -25.33
CA ILE A 402 26.06 -40.87 -25.85
C ILE A 402 26.97 -40.12 -26.80
N ARG A 403 26.38 -39.64 -27.87
CA ARG A 403 27.07 -38.83 -28.87
C ARG A 403 26.06 -37.85 -29.48
N THR A 404 26.57 -36.81 -30.16
CA THR A 404 25.68 -35.93 -30.88
C THR A 404 25.03 -36.62 -32.09
N ALA A 405 23.83 -36.18 -32.45
CA ALA A 405 23.15 -36.68 -33.65
C ALA A 405 22.63 -35.49 -34.44
N GLY A 406 23.51 -34.49 -34.58
CA GLY A 406 23.13 -33.25 -35.24
C GLY A 406 23.61 -32.07 -34.45
N GLU A 407 23.26 -30.90 -34.96
CA GLU A 407 23.75 -29.64 -34.42
C GLU A 407 22.96 -29.21 -33.16
N PRO A 408 23.64 -29.00 -32.03
CA PRO A 408 22.98 -28.35 -30.89
C PRO A 408 22.63 -26.92 -31.24
N ILE A 409 21.41 -26.50 -30.89
CA ILE A 409 21.00 -25.15 -31.21
CA ILE A 409 20.94 -25.17 -31.23
C ILE A 409 20.68 -24.39 -29.94
N TRP A 410 21.29 -23.22 -29.80
CA TRP A 410 21.15 -22.38 -28.60
C TRP A 410 19.96 -21.42 -28.73
N ASN A 411 19.34 -21.15 -27.59
CA ASN A 411 18.40 -20.02 -27.49
C ASN A 411 19.19 -18.71 -27.81
N GLU A 412 18.45 -17.70 -28.24
CA GLU A 412 18.97 -16.36 -28.52
C GLU A 412 18.95 -15.55 -27.25
N ASN A 413 19.73 -15.90 -26.28
CA ASN A 413 19.77 -15.19 -25.01
C ASN A 413 21.14 -15.40 -24.40
N LEU A 414 21.88 -14.33 -24.25
CA LEU A 414 23.22 -14.35 -23.59
C LEU A 414 23.07 -14.40 -22.04
N GLU A 415 21.99 -13.78 -21.51
CA GLU A 415 21.91 -13.54 -20.09
C GLU A 415 21.57 -14.83 -19.34
N PHE A 416 20.57 -15.51 -19.85
CA PHE A 416 20.26 -16.88 -19.39
C PHE A 416 20.43 -17.72 -20.63
N ARG A 417 21.59 -18.36 -20.68
CA ARG A 417 21.98 -19.01 -21.89
C ARG A 417 21.65 -20.52 -21.74
N SER A 418 21.02 -21.08 -22.75
CA SER A 418 20.72 -22.52 -22.75
C SER A 418 20.44 -23.04 -24.13
N LEU A 419 20.66 -24.33 -24.28
CA LEU A 419 20.31 -25.02 -25.50
C LEU A 419 18.86 -25.13 -25.68
N ARG A 420 18.39 -24.90 -26.89
CA ARG A 420 16.99 -25.16 -27.27
CA ARG A 420 16.98 -25.16 -27.24
C ARG A 420 16.76 -26.57 -27.81
N SER A 421 17.81 -27.14 -28.43
CA SER A 421 17.77 -28.50 -29.01
C SER A 421 19.12 -29.16 -28.78
N LEU A 422 19.10 -30.45 -28.42
CA LEU A 422 20.35 -31.20 -28.29
C LEU A 422 20.07 -32.61 -28.81
N PRO A 423 20.13 -32.79 -30.16
CA PRO A 423 19.90 -34.10 -30.72
C PRO A 423 21.04 -35.06 -30.38
N LEU A 424 20.69 -36.19 -29.76
CA LEU A 424 21.67 -37.16 -29.36
C LEU A 424 21.31 -38.52 -29.86
N SER A 425 22.34 -39.33 -30.04
CA SER A 425 22.18 -40.78 -30.09
C SER A 425 22.70 -41.38 -28.76
N LEU A 426 21.89 -42.23 -28.17
CA LEU A 426 22.22 -42.80 -26.88
C LEU A 426 23.13 -44.01 -26.90
N ARG A 427 23.16 -44.73 -28.03
N ARG A 427 23.14 -44.70 -28.04
CA ARG A 427 24.02 -45.88 -28.24
CA ARG A 427 24.03 -45.81 -28.34
C ARG A 427 24.25 -46.02 -29.75
C ARG A 427 24.09 -45.96 -29.86
N PRO B 25 -8.30 40.49 -4.73
CA PRO B 25 -9.55 39.83 -4.38
C PRO B 25 -9.31 38.41 -3.88
N SER B 26 -10.15 37.87 -2.97
CA SER B 26 -9.82 36.63 -2.30
C SER B 26 -10.34 35.38 -3.08
N PRO B 27 -9.44 34.45 -3.34
CA PRO B 27 -9.79 33.15 -3.88
C PRO B 27 -10.84 32.39 -2.97
N LEU B 28 -10.93 32.79 -1.69
CA LEU B 28 -11.87 32.16 -0.81
C LEU B 28 -13.31 32.42 -1.21
N ALA B 29 -13.57 33.51 -1.94
CA ALA B 29 -14.91 33.84 -2.40
C ALA B 29 -15.26 33.10 -3.71
N ASP B 30 -14.31 32.35 -4.25
CA ASP B 30 -14.58 31.73 -5.53
C ASP B 30 -15.31 30.35 -5.31
N PRO B 31 -16.54 30.17 -5.86
CA PRO B 31 -17.26 28.91 -5.55
C PRO B 31 -16.49 27.67 -6.01
N SER B 32 -15.54 27.88 -6.90
CA SER B 32 -14.91 26.75 -7.57
CA SER B 32 -14.87 26.74 -7.56
C SER B 32 -13.88 26.05 -6.64
N ILE B 33 -13.58 26.65 -5.47
CA ILE B 33 -12.63 26.03 -4.55
C ILE B 33 -13.33 24.93 -3.71
N VAL B 34 -14.66 24.90 -3.67
CA VAL B 34 -15.37 24.06 -2.72
C VAL B 34 -15.09 22.55 -2.82
N PRO B 35 -15.01 22.01 -4.06
CA PRO B 35 -14.73 20.56 -4.16
C PRO B 35 -13.36 20.22 -3.57
N ASP B 36 -12.39 21.13 -3.63
CA ASP B 36 -11.05 20.87 -3.06
C ASP B 36 -10.38 22.21 -2.70
N PRO B 37 -10.68 22.74 -1.50
CA PRO B 37 -10.11 24.03 -1.13
C PRO B 37 -8.67 23.97 -0.67
N TYR B 38 -8.13 22.78 -0.42
CA TYR B 38 -6.87 22.65 0.32
C TYR B 38 -5.63 23.26 -0.43
N PRO B 39 -5.55 23.12 -1.77
CA PRO B 39 -4.42 23.83 -2.45
C PRO B 39 -4.48 25.35 -2.31
N VAL B 40 -5.70 25.92 -2.35
CA VAL B 40 -5.89 27.42 -2.10
C VAL B 40 -5.56 27.81 -0.67
N TYR B 41 -6.11 27.09 0.30
CA TYR B 41 -5.74 27.30 1.67
C TYR B 41 -4.27 27.17 1.98
N ALA B 42 -3.60 26.20 1.35
CA ALA B 42 -2.18 26.00 1.67
C ALA B 42 -1.33 27.22 1.18
N ASP B 43 -1.69 27.70 -0.01
CA ASP B 43 -1.11 28.88 -0.64
C ASP B 43 -1.33 30.08 0.24
N LEU B 44 -2.60 30.34 0.54
CA LEU B 44 -2.94 31.52 1.35
C LEU B 44 -2.44 31.51 2.77
N ALA B 45 -2.38 30.32 3.38
CA ALA B 45 -1.80 30.19 4.70
C ALA B 45 -0.38 30.70 4.80
N GLN B 46 0.35 30.56 3.70
CA GLN B 46 1.76 31.06 3.63
C GLN B 46 1.84 32.53 3.30
N ARG B 47 1.11 32.93 2.26
CA ARG B 47 1.27 34.27 1.62
C ARG B 47 0.36 35.33 2.20
N ARG B 48 -0.88 34.95 2.61
CA ARG B 48 -1.89 35.91 3.06
C ARG B 48 -2.64 35.31 4.26
N PRO B 49 -1.87 34.99 5.32
CA PRO B 49 -2.40 34.12 6.39
C PRO B 49 -3.58 34.81 7.12
N VAL B 50 -3.62 36.16 7.17
CA VAL B 50 -4.82 36.92 7.54
C VAL B 50 -5.10 37.93 6.43
N HIS B 51 -6.30 37.95 5.84
CA HIS B 51 -6.60 38.92 4.72
C HIS B 51 -8.08 39.11 4.66
N TRP B 52 -8.47 40.19 4.04
CA TRP B 52 -9.81 40.61 3.94
C TRP B 52 -10.60 39.83 2.86
N VAL B 53 -11.78 39.37 3.22
CA VAL B 53 -12.74 38.77 2.31
C VAL B 53 -14.01 39.61 2.25
N GLU B 54 -14.15 40.40 1.19
CA GLU B 54 -15.19 41.35 1.11
C GLU B 54 -16.58 40.68 1.22
N ARG B 55 -16.77 39.50 0.61
CA ARG B 55 -18.08 38.91 0.66
C ARG B 55 -18.48 38.31 1.98
N LEU B 56 -17.53 38.16 2.88
CA LEU B 56 -17.78 37.80 4.32
C LEU B 56 -17.79 38.99 5.26
N ASN B 57 -17.46 40.17 4.73
CA ASN B 57 -17.19 41.33 5.56
C ASN B 57 -16.27 41.03 6.75
N ALA B 58 -15.24 40.19 6.52
CA ALA B 58 -14.42 39.68 7.61
C ALA B 58 -12.97 39.38 7.16
N TRP B 59 -12.13 39.33 8.18
CA TRP B 59 -10.79 38.85 8.06
C TRP B 59 -10.74 37.31 8.11
N ALA B 60 -10.25 36.72 7.02
CA ALA B 60 -9.97 35.29 7.02
C ALA B 60 -8.70 35.01 7.72
N VAL B 61 -8.68 33.94 8.52
CA VAL B 61 -7.55 33.55 9.32
C VAL B 61 -7.29 32.07 8.97
N LEU B 62 -6.12 31.78 8.42
CA LEU B 62 -5.84 30.45 7.74
C LEU B 62 -4.95 29.55 8.47
N THR B 63 -4.08 30.04 9.34
CA THR B 63 -3.06 29.18 9.94
C THR B 63 -3.56 28.46 11.18
N TYR B 64 -3.00 27.30 11.47
CA TYR B 64 -3.33 26.60 12.76
C TYR B 64 -3.03 27.46 13.95
N ALA B 65 -1.87 28.10 14.00
CA ALA B 65 -1.47 28.86 15.17
C ALA B 65 -2.46 29.99 15.42
N ASP B 66 -2.82 30.72 14.39
CA ASP B 66 -3.75 31.86 14.57
C ASP B 66 -5.18 31.38 14.81
N CYS B 67 -5.62 30.31 14.13
CA CYS B 67 -6.99 29.77 14.40
C CYS B 67 -7.10 29.26 15.86
N ALA B 68 -6.12 28.46 16.34
CA ALA B 68 -6.19 27.81 17.64
C ALA B 68 -6.12 28.84 18.72
N ALA B 69 -5.22 29.83 18.59
CA ALA B 69 -5.11 30.89 19.58
C ALA B 69 -6.40 31.74 19.54
N GLY B 70 -6.91 31.96 18.34
CA GLY B 70 -8.11 32.80 18.10
C GLY B 70 -9.34 32.25 18.78
N LEU B 71 -9.50 30.95 18.69
CA LEU B 71 -10.61 30.27 19.42
C LEU B 71 -10.51 30.48 20.92
N LYS B 72 -9.32 30.71 21.46
CA LYS B 72 -9.10 30.86 22.89
C LYS B 72 -8.66 32.27 23.29
N ASP B 73 -8.84 33.24 22.42
CA ASP B 73 -8.38 34.58 22.77
C ASP B 73 -9.57 35.38 23.34
N PRO B 74 -9.46 35.83 24.61
CA PRO B 74 -10.58 36.59 25.22
C PRO B 74 -10.86 37.93 24.58
N ARG B 75 -9.91 38.41 23.75
CA ARG B 75 -10.16 39.60 22.93
C ARG B 75 -11.09 39.40 21.76
N LEU B 76 -11.39 38.13 21.43
CA LEU B 76 -12.39 37.81 20.46
C LEU B 76 -13.65 37.34 21.18
N THR B 77 -14.77 37.93 20.84
CA THR B 77 -16.04 37.60 21.47
C THR B 77 -16.82 36.63 20.58
N ALA B 78 -17.61 35.79 21.25
CA ALA B 78 -18.59 34.94 20.56
C ALA B 78 -19.91 35.63 20.29
N ASP B 79 -20.11 36.81 20.90
CA ASP B 79 -21.32 37.59 20.68
C ASP B 79 -21.22 38.33 19.33
N ARG B 80 -21.74 37.65 18.32
CA ARG B 80 -21.44 38.00 16.86
C ARG B 80 -22.69 38.01 16.01
N GLY B 81 -23.84 37.66 16.62
CA GLY B 81 -25.06 37.63 15.86
C GLY B 81 -25.32 38.89 15.04
N THR B 82 -25.15 40.05 15.68
CA THR B 82 -25.45 41.25 14.95
C THR B 82 -24.51 41.44 13.70
N GLU B 83 -23.21 41.21 13.91
CA GLU B 83 -22.18 41.45 12.87
C GLU B 83 -22.32 40.43 11.79
N VAL B 84 -22.59 39.20 12.19
CA VAL B 84 -22.75 38.14 11.15
C VAL B 84 -24.03 38.30 10.32
N LEU B 85 -25.14 38.69 10.98
CA LEU B 85 -26.33 38.94 10.27
C LEU B 85 -26.11 40.15 9.28
N ALA B 86 -25.33 41.16 9.68
CA ALA B 86 -25.05 42.32 8.78
C ALA B 86 -24.21 41.86 7.58
N ALA B 87 -23.38 40.84 7.81
CA ALA B 87 -22.52 40.31 6.72
C ALA B 87 -23.37 39.57 5.70
N LYS B 88 -24.30 38.74 6.20
CA LYS B 88 -25.05 37.79 5.36
C LYS B 88 -26.33 38.45 4.79
N PHE B 89 -26.96 39.32 5.62
CA PHE B 89 -28.16 40.07 5.23
C PHE B 89 -27.99 41.61 5.41
N PRO B 90 -27.05 42.22 4.62
CA PRO B 90 -26.83 43.63 4.87
C PRO B 90 -28.11 44.41 4.55
N GLY B 91 -28.38 45.42 5.34
CA GLY B 91 -29.60 46.23 5.17
C GLY B 91 -30.83 45.64 5.75
N GLN B 92 -30.68 44.45 6.38
CA GLN B 92 -31.78 43.76 7.05
C GLN B 92 -31.46 43.50 8.51
N PRO B 93 -31.17 44.53 9.27
CA PRO B 93 -31.06 44.38 10.72
C PRO B 93 -32.39 44.02 11.43
N LEU B 94 -32.30 43.62 12.70
CA LEU B 94 -33.44 43.12 13.45
C LEU B 94 -33.32 43.67 14.84
N PRO B 95 -34.49 43.99 15.43
CA PRO B 95 -34.47 44.60 16.74
C PRO B 95 -34.24 43.59 17.85
N PRO B 96 -33.88 44.07 19.05
CA PRO B 96 -33.47 43.16 20.12
C PRO B 96 -34.51 42.12 20.50
N ASP B 97 -35.80 42.46 20.40
CA ASP B 97 -36.81 41.50 20.79
C ASP B 97 -37.16 40.47 19.69
N ASN B 98 -36.46 40.52 18.57
CA ASN B 98 -36.69 39.57 17.48
C ASN B 98 -36.12 38.20 17.89
N ILE B 99 -36.81 37.14 17.45
CA ILE B 99 -36.33 35.74 17.73
C ILE B 99 -34.83 35.55 17.41
N PHE B 100 -34.29 36.14 16.32
CA PHE B 100 -32.87 35.90 16.04
C PHE B 100 -31.96 36.38 17.18
N HIS B 101 -32.18 37.62 17.70
CA HIS B 101 -31.46 38.12 18.81
C HIS B 101 -31.75 37.45 20.17
N ARG B 102 -33.00 37.18 20.47
CA ARG B 102 -33.32 36.45 21.71
C ARG B 102 -32.73 35.06 21.73
N TRP B 103 -32.66 34.39 20.58
CA TRP B 103 -32.05 33.07 20.53
C TRP B 103 -30.50 33.18 20.65
N THR B 104 -29.89 33.99 19.79
CA THR B 104 -28.43 34.04 19.81
CA THR B 104 -28.42 34.13 19.77
C THR B 104 -27.90 34.48 21.17
N LYS B 105 -28.58 35.47 21.82
CA LYS B 105 -28.06 36.01 23.04
C LYS B 105 -28.36 35.10 24.25
N ASN B 106 -29.03 33.96 24.01
CA ASN B 106 -29.41 33.02 25.10
C ASN B 106 -29.03 31.57 24.87
N VAL B 107 -28.03 31.41 24.00
CA VAL B 107 -27.48 30.08 23.77
C VAL B 107 -25.96 30.06 23.91
N VAL B 108 -25.45 28.88 24.27
CA VAL B 108 -23.98 28.73 24.47
C VAL B 108 -23.13 29.22 23.30
N MET B 109 -23.59 28.94 22.09
CA MET B 109 -22.78 29.15 20.90
C MET B 109 -22.34 30.61 20.77
N TYR B 110 -23.21 31.55 21.17
CA TYR B 110 -23.09 32.96 20.84
C TYR B 110 -23.02 33.82 22.08
N THR B 111 -22.66 33.25 23.22
CA THR B 111 -22.53 34.03 24.47
C THR B 111 -21.12 33.84 25.05
N ASP B 112 -20.59 34.85 25.71
CA ASP B 112 -19.38 34.76 26.43
C ASP B 112 -19.65 34.36 27.88
N PRO B 113 -18.63 33.85 28.58
CA PRO B 113 -18.77 33.74 30.06
C PRO B 113 -18.95 35.13 30.67
N PRO B 114 -19.66 35.23 31.81
CA PRO B 114 -20.17 34.09 32.60
C PRO B 114 -21.48 33.47 32.13
N LEU B 115 -22.26 34.18 31.32
CA LEU B 115 -23.55 33.67 30.90
C LEU B 115 -23.38 32.35 30.18
N HIS B 116 -22.35 32.29 29.34
CA HIS B 116 -22.13 31.06 28.60
C HIS B 116 -22.05 29.84 29.54
N ASP B 117 -21.33 30.04 30.63
CA ASP B 117 -21.04 28.94 31.54
C ASP B 117 -22.30 28.51 32.29
N ALA B 118 -23.19 29.44 32.61
CA ALA B 118 -24.47 29.03 33.24
C ALA B 118 -25.32 28.24 32.24
N LEU B 119 -25.32 28.72 30.99
CA LEU B 119 -26.07 28.02 29.97
C LEU B 119 -25.48 26.63 29.73
N ARG B 120 -24.13 26.51 29.72
CA ARG B 120 -23.58 25.18 29.45
C ARG B 120 -23.83 24.24 30.66
N ARG B 121 -23.70 24.76 31.87
CA ARG B 121 -24.04 23.94 33.04
C ARG B 121 -25.50 23.43 33.02
N SER B 122 -26.41 24.19 32.43
CA SER B 122 -27.82 23.83 32.41
C SER B 122 -28.17 22.65 31.52
N VAL B 123 -27.25 22.30 30.62
CA VAL B 123 -27.45 21.11 29.80
C VAL B 123 -26.60 19.89 30.23
N ARG B 124 -25.91 20.01 31.36
CA ARG B 124 -24.90 19.01 31.75
C ARG B 124 -25.49 17.59 31.85
N ALA B 125 -26.77 17.50 32.23
CA ALA B 125 -27.40 16.19 32.48
C ALA B 125 -27.44 15.27 31.22
N GLY B 126 -27.47 15.89 30.04
CA GLY B 126 -27.44 15.14 28.82
C GLY B 126 -26.09 14.52 28.47
N PHE B 127 -25.02 14.91 29.14
CA PHE B 127 -23.65 14.74 28.65
C PHE B 127 -22.68 14.24 29.71
N THR B 128 -23.22 13.67 30.79
CA THR B 128 -22.39 13.11 31.86
C THR B 128 -21.55 11.91 31.34
N ARG B 129 -20.57 11.50 32.14
CA ARG B 129 -19.80 10.27 31.92
C ARG B 129 -20.74 9.05 31.80
N ALA B 130 -21.68 8.90 32.74
CA ALA B 130 -22.66 7.79 32.67
C ALA B 130 -23.54 7.82 31.42
N ALA B 131 -23.97 9.03 31.01
CA ALA B 131 -24.75 9.16 29.79
C ALA B 131 -23.92 8.64 28.59
N HIS B 132 -22.63 8.99 28.50
CA HIS B 132 -21.80 8.61 27.39
C HIS B 132 -21.52 7.14 27.42
N GLN B 133 -21.45 6.52 28.61
CA GLN B 133 -21.37 5.05 28.65
C GLN B 133 -22.57 4.42 27.94
N HIS B 134 -23.77 4.96 28.22
CA HIS B 134 -24.96 4.47 27.50
C HIS B 134 -24.93 4.74 25.98
N TYR B 135 -24.60 5.97 25.62
CA TYR B 135 -24.54 6.34 24.22
C TYR B 135 -23.55 5.46 23.46
N ASP B 136 -22.46 5.08 24.11
CA ASP B 136 -21.44 4.21 23.48
C ASP B 136 -22.13 2.93 22.97
N GLN B 137 -22.90 2.30 23.86
CA GLN B 137 -23.66 1.10 23.53
C GLN B 137 -24.75 1.32 22.47
N VAL B 138 -25.53 2.42 22.57
CA VAL B 138 -26.56 2.70 21.57
C VAL B 138 -25.95 2.87 20.19
N LEU B 139 -24.86 3.63 20.12
CA LEU B 139 -24.34 3.98 18.82
C LEU B 139 -23.60 2.80 18.21
N GLN B 140 -22.99 1.94 19.03
CA GLN B 140 -22.45 0.69 18.51
C GLN B 140 -23.51 -0.08 17.74
N LYS B 141 -24.66 -0.20 18.39
CA LYS B 141 -25.73 -1.01 17.83
CA LYS B 141 -25.76 -1.01 17.84
C LYS B 141 -26.41 -0.34 16.64
N VAL B 142 -26.61 0.98 16.75
CA VAL B 142 -27.22 1.74 15.65
C VAL B 142 -26.38 1.58 14.39
N ALA B 143 -25.07 1.77 14.50
CA ALA B 143 -24.18 1.64 13.32
C ALA B 143 -24.12 0.21 12.79
N HIS B 144 -24.02 -0.75 13.69
CA HIS B 144 -24.06 -2.14 13.34
C HIS B 144 -25.28 -2.42 12.46
N ASP B 145 -26.45 -1.99 12.92
CA ASP B 145 -27.72 -2.38 12.26
C ASP B 145 -27.85 -1.70 10.90
N LEU B 146 -27.36 -0.46 10.83
CA LEU B 146 -27.27 0.27 9.56
C LEU B 146 -26.37 -0.39 8.49
N VAL B 147 -25.14 -0.72 8.85
CA VAL B 147 -24.33 -1.49 7.94
C VAL B 147 -24.86 -2.91 7.60
N ALA B 148 -25.40 -3.59 8.63
CA ALA B 148 -25.87 -4.96 8.54
C ALA B 148 -27.15 -4.91 7.52
N SER B 149 -27.85 -3.76 7.36
CA SER B 149 -29.02 -3.55 6.42
C SER B 149 -28.74 -3.45 4.95
N ILE B 150 -27.45 -3.28 4.62
CA ILE B 150 -26.99 -3.33 3.22
C ILE B 150 -27.12 -4.76 2.68
N PRO B 151 -27.85 -4.91 1.55
CA PRO B 151 -28.00 -6.25 1.04
C PRO B 151 -26.67 -6.91 0.71
N ALA B 152 -26.65 -8.22 0.95
CA ALA B 152 -25.54 -9.09 0.51
C ALA B 152 -25.20 -8.92 -0.98
N GLY B 153 -26.22 -8.69 -1.80
CA GLY B 153 -26.03 -8.55 -3.25
C GLY B 153 -25.50 -7.20 -3.68
N ALA B 154 -25.31 -6.32 -2.68
CA ALA B 154 -24.93 -4.94 -2.92
C ALA B 154 -23.47 -4.90 -3.25
N THR B 155 -23.19 -4.43 -4.45
CA THR B 155 -21.81 -4.19 -4.85
C THR B 155 -21.58 -2.74 -5.00
N GLU B 156 -22.63 -1.96 -4.85
CA GLU B 156 -22.62 -0.52 -5.25
C GLU B 156 -23.64 0.19 -4.45
N ILE B 157 -23.26 1.35 -3.93
CA ILE B 157 -24.14 2.22 -3.20
C ILE B 157 -23.67 3.71 -3.39
N ASP B 158 -24.62 4.62 -3.22
CA ASP B 158 -24.27 6.02 -2.98
C ASP B 158 -24.26 6.26 -1.50
N ALA B 159 -23.09 6.42 -0.92
CA ALA B 159 -22.91 6.37 0.50
C ALA B 159 -23.43 7.63 1.19
N VAL B 160 -23.74 8.71 0.44
CA VAL B 160 -24.32 9.85 1.06
C VAL B 160 -25.77 9.57 1.55
N PRO B 161 -26.74 9.38 0.64
CA PRO B 161 -28.06 9.09 1.13
C PRO B 161 -28.12 7.79 1.93
N ALA B 162 -27.39 6.76 1.54
CA ALA B 162 -27.59 5.43 2.12
C ALA B 162 -27.09 5.35 3.54
N LEU B 163 -26.00 6.06 3.81
CA LEU B 163 -25.23 5.91 5.03
C LEU B 163 -24.94 7.20 5.80
N ALA B 164 -24.26 8.13 5.13
CA ALA B 164 -23.82 9.35 5.78
C ALA B 164 -24.96 10.23 6.22
N ALA B 165 -26.01 10.31 5.44
CA ALA B 165 -27.16 11.07 5.82
C ALA B 165 -28.05 10.30 6.77
N GLU B 166 -27.95 8.99 6.82
CA GLU B 166 -28.85 8.09 7.55
C GLU B 166 -28.40 7.91 8.97
N LEU B 167 -27.13 7.64 9.24
CA LEU B 167 -26.63 7.44 10.59
C LEU B 167 -26.95 8.58 11.52
N PRO B 168 -26.76 9.87 11.12
CA PRO B 168 -26.94 10.91 12.11
C PRO B 168 -28.46 11.00 12.47
N VAL B 169 -29.36 10.63 11.56
CA VAL B 169 -30.83 10.70 11.82
C VAL B 169 -31.12 9.58 12.80
N ARG B 170 -30.53 8.41 12.63
CA ARG B 170 -30.79 7.27 13.53
C ARG B 170 -30.17 7.57 14.89
N SER B 171 -29.01 8.25 14.91
CA SER B 171 -28.43 8.68 16.16
CA SER B 171 -28.45 8.62 16.16
C SER B 171 -29.26 9.76 16.84
N ALA B 172 -29.83 10.68 16.06
CA ALA B 172 -30.75 11.70 16.63
C ALA B 172 -31.92 11.06 17.40
N VAL B 173 -32.48 10.03 16.76
CA VAL B 173 -33.60 9.30 17.36
C VAL B 173 -33.18 8.55 18.61
N HIS B 174 -32.22 7.66 18.46
CA HIS B 174 -31.89 6.66 19.49
C HIS B 174 -30.92 7.06 20.54
N ALA B 175 -30.01 7.98 20.20
CA ALA B 175 -29.15 8.57 21.23
C ALA B 175 -29.64 9.92 21.80
N PHE B 176 -30.06 10.83 20.93
CA PHE B 176 -30.58 12.14 21.37
C PHE B 176 -32.02 12.18 21.81
N GLY B 177 -32.84 11.26 21.35
CA GLY B 177 -34.22 11.25 21.77
C GLY B 177 -35.21 12.04 20.94
N VAL B 178 -34.81 12.48 19.75
CA VAL B 178 -35.78 13.11 18.88
C VAL B 178 -36.82 12.08 18.48
N PRO B 179 -38.10 12.40 18.68
CA PRO B 179 -39.07 11.37 18.30
C PRO B 179 -39.02 11.09 16.78
N GLU B 180 -38.93 9.83 16.44
CA GLU B 180 -39.02 9.40 15.07
C GLU B 180 -40.16 10.05 14.28
N GLU B 181 -41.33 10.04 14.89
CA GLU B 181 -42.55 10.65 14.26
C GLU B 181 -42.46 12.15 13.94
N ASP B 182 -41.54 12.87 14.58
CA ASP B 182 -41.36 14.31 14.37
C ASP B 182 -40.28 14.73 13.31
N LEU B 183 -39.61 13.73 12.73
CA LEU B 183 -38.54 14.02 11.82
C LEU B 183 -39.01 14.76 10.59
N GLY B 184 -40.23 14.48 10.12
CA GLY B 184 -40.74 15.19 8.95
C GLY B 184 -40.96 16.68 9.19
N PHE B 185 -41.19 17.06 10.46
CA PHE B 185 -41.28 18.50 10.88
C PHE B 185 -39.93 19.14 10.97
N LEU B 186 -38.99 18.44 11.59
CA LEU B 186 -37.65 18.98 11.92
C LEU B 186 -36.69 19.09 10.74
N ILE B 187 -36.55 18.01 9.99
CA ILE B 187 -35.45 17.94 8.99
C ILE B 187 -35.56 19.09 7.95
N PRO B 188 -36.75 19.30 7.35
CA PRO B 188 -36.82 20.36 6.33
C PRO B 188 -36.61 21.75 6.93
N ARG B 189 -37.08 21.95 8.16
CA ARG B 189 -36.91 23.22 8.82
C ARG B 189 -35.45 23.51 9.14
N VAL B 190 -34.72 22.51 9.66
CA VAL B 190 -33.30 22.69 9.92
C VAL B 190 -32.53 22.92 8.60
N ASN B 191 -32.88 22.19 7.53
CA ASN B 191 -32.25 22.47 6.25
C ASN B 191 -32.43 23.88 5.80
N THR B 192 -33.63 24.39 5.98
CA THR B 192 -33.90 25.80 5.56
C THR B 192 -33.06 26.77 6.42
N ILE B 193 -33.10 26.60 7.73
CA ILE B 193 -32.35 27.45 8.67
C ILE B 193 -30.82 27.43 8.33
N MET B 194 -30.33 26.21 7.97
CA MET B 194 -28.90 26.05 7.81
C MET B 194 -28.43 26.85 6.52
N THR B 195 -29.39 27.29 5.67
CA THR B 195 -29.01 28.12 4.53
C THR B 195 -28.52 29.48 4.97
N TYR B 196 -28.80 29.88 6.20
CA TYR B 196 -28.09 31.02 6.78
C TYR B 196 -26.55 30.89 6.55
N PHE B 197 -26.08 29.69 6.81
CA PHE B 197 -24.63 29.41 6.82
C PHE B 197 -24.20 28.82 5.44
N SER B 198 -24.31 29.65 4.40
CA SER B 198 -24.00 29.27 3.01
C SER B 198 -22.66 29.79 2.51
N GLY B 199 -21.82 30.33 3.38
CA GLY B 199 -20.55 30.85 2.96
C GLY B 199 -20.64 32.15 2.19
N PRO B 200 -19.59 32.46 1.43
CA PRO B 200 -19.45 33.78 0.69
C PRO B 200 -20.21 33.78 -0.62
N LYS B 201 -21.50 33.56 -0.55
CA LYS B 201 -22.35 33.50 -1.71
C LYS B 201 -23.72 34.04 -1.35
N ASP B 202 -24.49 34.31 -2.38
CA ASP B 202 -25.83 34.89 -2.18
C ASP B 202 -26.69 33.89 -1.27
N GLN B 203 -27.58 34.45 -0.48
CA GLN B 203 -28.35 33.69 0.41
C GLN B 203 -29.46 33.10 -0.39
N PRO B 204 -29.61 31.79 -0.32
CA PRO B 204 -30.62 31.16 -1.18
C PRO B 204 -32.06 31.29 -0.67
N VAL B 205 -32.22 31.62 0.59
CA VAL B 205 -33.54 31.70 1.26
C VAL B 205 -33.55 33.03 2.02
N THR B 206 -34.71 33.69 1.97
CA THR B 206 -34.84 35.02 2.52
C THR B 206 -34.77 34.94 4.05
N GLN B 207 -34.40 36.07 4.62
CA GLN B 207 -34.30 36.24 6.05
C GLN B 207 -35.66 35.94 6.73
N GLU B 208 -36.74 36.39 6.10
CA GLU B 208 -38.05 36.24 6.65
C GLU B 208 -38.38 34.75 6.85
N ILE B 209 -38.08 33.93 5.86
CA ILE B 209 -38.38 32.50 5.94
C ILE B 209 -37.54 31.82 7.01
N ILE B 210 -36.26 32.15 7.07
CA ILE B 210 -35.37 31.55 8.08
C ILE B 210 -35.93 31.87 9.47
N LEU B 211 -36.36 33.13 9.69
CA LEU B 211 -36.86 33.49 11.04
C LEU B 211 -38.13 32.71 11.35
N GLU B 212 -38.97 32.51 10.35
CA GLU B 212 -40.20 31.76 10.58
C GLU B 212 -39.85 30.31 11.03
N LYS B 213 -38.91 29.65 10.37
CA LYS B 213 -38.60 28.30 10.74
C LYS B 213 -37.87 28.24 12.05
N LEU B 214 -37.05 29.23 12.34
CA LEU B 214 -36.40 29.32 13.67
C LEU B 214 -37.48 29.42 14.82
N THR B 215 -38.52 30.25 14.56
CA THR B 215 -39.64 30.36 15.47
C THR B 215 -40.34 29.05 15.61
N ASP B 216 -40.63 28.40 14.48
CA ASP B 216 -41.24 27.05 14.49
C ASP B 216 -40.46 26.08 15.38
N LEU B 217 -39.12 26.08 15.26
CA LEU B 217 -38.31 25.21 16.14
C LEU B 217 -38.48 25.46 17.64
N HIS B 218 -38.65 26.73 18.01
CA HIS B 218 -38.87 27.12 19.42
C HIS B 218 -40.24 26.59 19.90
N THR B 219 -41.25 26.78 19.07
CA THR B 219 -42.59 26.30 19.38
C THR B 219 -42.57 24.78 19.57
N TYR B 220 -41.89 24.10 18.67
CA TYR B 220 -41.71 22.65 18.75
C TYR B 220 -41.00 22.23 20.03
N ALA B 221 -39.91 22.88 20.36
CA ALA B 221 -39.14 22.53 21.54
C ALA B 221 -39.97 22.64 22.80
N SER B 222 -40.66 23.77 22.96
CA SER B 222 -41.45 23.92 24.16
CA SER B 222 -41.54 23.98 24.11
C SER B 222 -42.62 22.92 24.19
N GLU B 223 -43.30 22.71 23.06
CA GLU B 223 -44.37 21.73 23.02
C GLU B 223 -43.87 20.30 23.24
N LEU B 224 -42.68 20.00 22.72
CA LEU B 224 -42.09 18.66 22.97
C LEU B 224 -41.97 18.42 24.48
N LEU B 225 -41.43 19.37 25.22
CA LEU B 225 -41.26 19.19 26.66
C LEU B 225 -42.59 19.06 27.44
N GLN B 226 -43.63 19.70 26.90
CA GLN B 226 -44.97 19.66 27.47
C GLN B 226 -45.74 18.39 27.13
N GLY B 227 -45.14 17.51 26.32
CA GLY B 227 -45.82 16.29 25.96
C GLY B 227 -46.82 16.44 24.83
N MET B 228 -46.72 17.51 24.04
CA MET B 228 -47.68 17.78 22.98
C MET B 228 -47.19 17.34 21.60
N ARG B 229 -45.95 16.84 21.51
CA ARG B 229 -45.43 16.36 20.22
C ARG B 229 -45.11 14.88 20.36
N GLY B 230 -44.02 14.40 19.77
CA GLY B 230 -43.73 12.96 19.75
C GLY B 230 -43.26 12.47 21.10
N LYS B 231 -43.08 11.15 21.19
CA LYS B 231 -42.60 10.49 22.39
C LYS B 231 -41.06 10.40 22.36
N VAL B 232 -40.45 10.97 23.37
CA VAL B 232 -39.01 10.99 23.53
C VAL B 232 -38.54 9.65 24.12
N LEU B 233 -37.64 8.92 23.45
CA LEU B 233 -37.22 7.60 24.02
C LEU B 233 -36.46 7.83 25.38
N PRO B 234 -36.50 6.86 26.31
CA PRO B 234 -35.88 7.06 27.64
C PRO B 234 -34.36 6.98 27.58
N ASP B 235 -33.69 7.62 28.55
CA ASP B 235 -32.22 7.53 28.68
C ASP B 235 -31.41 8.23 27.55
N THR B 236 -32.13 8.92 26.69
CA THR B 236 -31.55 9.78 25.65
C THR B 236 -31.14 11.16 26.19
N VAL B 237 -30.37 11.88 25.39
CA VAL B 237 -29.97 13.27 25.71
C VAL B 237 -31.23 14.07 26.16
N ILE B 238 -32.24 14.08 25.31
CA ILE B 238 -33.39 14.94 25.54
C ILE B 238 -34.17 14.44 26.76
N ALA B 239 -34.33 13.14 26.94
CA ALA B 239 -34.95 12.62 28.15
C ALA B 239 -34.22 13.15 29.41
N ARG B 240 -32.91 13.12 29.41
CA ARG B 240 -32.11 13.60 30.52
C ARG B 240 -32.25 15.09 30.75
N LEU B 241 -32.24 15.84 29.67
CA LEU B 241 -32.49 17.29 29.78
C LEU B 241 -33.88 17.57 30.33
N ALA B 242 -34.90 16.85 29.86
CA ALA B 242 -36.27 17.09 30.31
C ALA B 242 -36.41 16.86 31.82
N ALA B 243 -35.78 15.80 32.33
CA ALA B 243 -35.91 15.46 33.73
C ALA B 243 -35.17 16.44 34.59
N ALA B 244 -34.18 17.11 34.01
CA ALA B 244 -33.33 18.05 34.73
C ALA B 244 -34.00 19.41 34.92
N GLN B 245 -35.06 19.69 34.18
CA GLN B 245 -35.62 21.07 34.20
C GLN B 245 -36.05 21.54 35.58
N ASP B 246 -36.67 20.67 36.36
CA ASP B 246 -37.24 21.11 37.64
C ASP B 246 -36.14 21.56 38.61
N GLY B 247 -34.98 20.95 38.51
CA GLY B 247 -33.81 21.35 39.31
C GLY B 247 -32.94 22.53 38.87
N LEU B 248 -33.21 23.14 37.71
CA LEU B 248 -32.34 24.26 37.26
C LEU B 248 -32.62 25.52 38.05
N THR B 249 -31.55 26.19 38.46
CA THR B 249 -31.64 27.37 39.32
C THR B 249 -30.99 28.61 38.72
N GLU B 250 -30.32 28.47 37.60
CA GLU B 250 -29.53 29.61 37.06
C GLU B 250 -30.05 30.16 35.73
N THR B 251 -31.00 29.44 35.13
CA THR B 251 -31.41 29.71 33.76
C THR B 251 -32.92 29.63 33.73
N THR B 252 -33.52 30.26 32.73
CA THR B 252 -34.98 30.35 32.64
C THR B 252 -35.56 29.29 31.70
N PRO B 253 -36.89 29.09 31.73
CA PRO B 253 -37.52 28.24 30.76
C PRO B 253 -37.25 28.66 29.31
N GLU B 254 -37.29 29.97 29.03
CA GLU B 254 -36.98 30.50 27.71
C GLU B 254 -35.61 29.96 27.25
N GLN B 255 -34.66 29.96 28.17
CA GLN B 255 -33.25 29.61 27.84
C GLN B 255 -33.16 28.15 27.48
N THR B 256 -33.91 27.29 28.17
CA THR B 256 -33.95 25.90 27.74
C THR B 256 -34.50 25.79 26.30
N VAL B 257 -35.57 26.50 25.99
CA VAL B 257 -36.19 26.39 24.70
C VAL B 257 -35.19 26.88 23.63
N HIS B 258 -34.51 28.00 23.88
CA HIS B 258 -33.46 28.48 22.91
C HIS B 258 -32.43 27.43 22.72
N GLN B 259 -32.00 26.83 23.79
CA GLN B 259 -30.90 25.82 23.70
C GLN B 259 -31.30 24.56 22.99
N LEU B 260 -32.54 24.11 23.17
CA LEU B 260 -33.04 22.99 22.44
C LEU B 260 -33.13 23.30 20.93
N ALA B 261 -33.54 24.52 20.59
CA ALA B 261 -33.59 24.86 19.18
C ALA B 261 -32.17 24.78 18.57
N LEU B 262 -31.16 25.24 19.32
CA LEU B 262 -29.77 25.14 18.86
C LEU B 262 -29.40 23.65 18.70
N VAL B 263 -29.73 22.85 19.69
CA VAL B 263 -29.49 21.40 19.60
C VAL B 263 -30.12 20.75 18.36
N PHE B 264 -31.37 21.07 18.00
CA PHE B 264 -31.99 20.49 16.83
C PHE B 264 -31.26 20.93 15.56
N ILE B 265 -30.89 22.22 15.50
CA ILE B 265 -30.16 22.75 14.34
C ILE B 265 -28.86 21.98 14.18
N ALA B 266 -28.08 21.87 15.26
CA ALA B 266 -26.81 21.15 15.19
C ALA B 266 -26.95 19.67 14.86
N LEU B 267 -28.01 19.06 15.38
CA LEU B 267 -28.29 17.64 15.12
C LEU B 267 -28.53 17.31 13.66
N PHE B 268 -29.23 18.19 12.96
CA PHE B 268 -29.65 17.96 11.60
C PHE B 268 -28.87 18.72 10.57
N ALA B 269 -27.87 19.44 11.06
CA ALA B 269 -26.90 20.16 10.21
C ALA B 269 -26.09 19.13 9.38
N PRO B 270 -25.51 19.59 8.26
CA PRO B 270 -24.71 18.66 7.43
C PRO B 270 -23.33 18.28 8.01
N THR B 271 -23.04 18.69 9.24
CA THR B 271 -21.77 18.43 9.87
C THR B 271 -21.45 16.96 10.02
N THR B 272 -22.36 16.24 10.65
CA THR B 272 -22.15 14.82 10.87
C THR B 272 -22.22 14.04 9.59
N PRO B 273 -23.20 14.21 8.73
CA PRO B 273 -23.16 13.51 7.38
C PRO B 273 -21.81 13.85 6.68
N GLY B 274 -21.34 15.11 6.67
CA GLY B 274 -20.11 15.41 5.90
C GLY B 274 -18.90 14.73 6.47
N SER B 275 -18.84 14.61 7.80
CA SER B 275 -17.74 13.90 8.46
C SER B 275 -17.76 12.45 8.06
N LEU B 276 -18.91 11.83 8.10
CA LEU B 276 -19.04 10.43 7.73
C LEU B 276 -18.68 10.22 6.27
N SER B 277 -19.24 10.97 5.36
CA SER B 277 -18.99 10.76 3.93
C SER B 277 -17.56 11.09 3.60
N SER B 278 -17.03 12.14 4.14
CA SER B 278 -15.64 12.53 3.74
C SER B 278 -14.64 11.48 4.26
N GLY B 279 -14.84 10.94 5.47
CA GLY B 279 -14.03 9.86 6.00
C GLY B 279 -14.19 8.65 5.17
N THR B 280 -15.38 8.34 4.66
CA THR B 280 -15.61 7.15 3.83
C THR B 280 -14.85 7.38 2.52
N LEU B 281 -14.88 8.57 1.92
CA LEU B 281 -14.03 8.87 0.74
C LEU B 281 -12.55 8.64 1.04
N ALA B 282 -12.09 9.12 2.20
CA ALA B 282 -10.68 8.98 2.52
C ALA B 282 -10.29 7.50 2.60
N PHE B 283 -11.09 6.64 3.25
CA PHE B 283 -10.79 5.20 3.29
C PHE B 283 -10.79 4.61 1.87
N ALA B 284 -11.76 4.98 1.04
CA ALA B 284 -11.91 4.48 -0.30
C ALA B 284 -10.68 4.81 -1.15
N ARG B 285 -10.05 5.97 -0.90
CA ARG B 285 -8.88 6.39 -1.67
C ARG B 285 -7.57 5.93 -1.08
N ASN B 286 -7.62 5.34 0.11
CA ASN B 286 -6.44 4.95 0.89
C ASN B 286 -6.61 3.53 1.46
N PRO B 287 -6.60 2.54 0.58
CA PRO B 287 -6.71 1.14 1.05
C PRO B 287 -5.65 0.74 2.12
N ARG B 288 -4.43 1.30 2.10
CA ARG B 288 -3.47 1.00 3.17
CA ARG B 288 -3.42 1.06 3.17
C ARG B 288 -3.99 1.37 4.55
N GLN B 289 -4.79 2.45 4.61
CA GLN B 289 -5.38 2.88 5.86
C GLN B 289 -6.50 1.94 6.37
N VAL B 290 -7.20 1.29 5.48
CA VAL B 290 -8.19 0.27 5.79
C VAL B 290 -7.38 -0.86 6.37
N GLU B 291 -6.23 -1.21 5.74
CA GLU B 291 -5.38 -2.29 6.33
C GLU B 291 -4.97 -1.97 7.78
N ARG B 292 -4.59 -0.72 8.02
CA ARG B 292 -4.12 -0.28 9.31
C ARG B 292 -5.28 -0.41 10.31
N PHE B 293 -6.44 0.04 9.87
CA PHE B 293 -7.61 0.09 10.75
C PHE B 293 -7.92 -1.34 11.23
N LEU B 294 -7.91 -2.28 10.29
CA LEU B 294 -8.13 -3.68 10.57
C LEU B 294 -6.98 -4.37 11.28
N ALA B 295 -5.80 -3.77 11.31
CA ALA B 295 -4.65 -4.44 11.94
C ALA B 295 -4.43 -4.00 13.41
N ASP B 296 -4.87 -2.78 13.77
CA ASP B 296 -4.31 -2.11 14.94
C ASP B 296 -5.38 -1.33 15.61
N GLN B 297 -5.68 -1.69 16.86
CA GLN B 297 -6.70 -0.95 17.64
C GLN B 297 -6.36 0.54 17.85
N ALA B 298 -5.08 0.88 17.91
CA ALA B 298 -4.69 2.27 17.99
C ALA B 298 -5.19 3.09 16.84
N CYS B 299 -5.23 2.48 15.69
CA CYS B 299 -5.68 3.14 14.47
C CYS B 299 -7.16 3.26 14.51
N VAL B 300 -7.86 2.24 15.06
CA VAL B 300 -9.34 2.40 15.25
C VAL B 300 -9.58 3.57 16.14
N ASP B 301 -8.84 3.62 17.24
CA ASP B 301 -9.14 4.61 18.26
C ASP B 301 -8.80 6.01 17.75
N ASN B 302 -7.90 6.13 16.78
CA ASN B 302 -7.61 7.43 16.16
C ASN B 302 -8.47 7.83 14.95
N THR B 303 -9.31 6.95 14.51
CA THR B 303 -10.05 7.18 13.30
C THR B 303 -10.95 8.42 13.29
N ALA B 304 -11.82 8.52 14.33
CA ALA B 304 -12.63 9.71 14.46
C ALA B 304 -11.82 10.99 14.29
N ASN B 305 -10.76 11.12 15.05
CA ASN B 305 -9.97 12.40 15.01
C ASN B 305 -9.25 12.59 13.67
N GLU B 306 -8.67 11.52 13.13
CA GLU B 306 -8.08 11.72 11.79
C GLU B 306 -9.09 12.05 10.68
N VAL B 307 -10.30 11.45 10.73
CA VAL B 307 -11.37 11.80 9.81
C VAL B 307 -11.81 13.30 10.02
N LEU B 308 -11.96 13.70 11.28
CA LEU B 308 -12.33 15.04 11.63
C LEU B 308 -11.24 16.04 11.18
N ARG B 309 -9.95 15.69 11.36
CA ARG B 309 -8.89 16.57 10.95
C ARG B 309 -8.93 16.70 9.42
N TYR B 310 -9.11 15.58 8.74
CA TYR B 310 -8.86 15.55 7.29
C TYR B 310 -9.79 16.46 6.52
N ASN B 311 -11.03 16.56 7.03
CA ASN B 311 -12.03 17.47 6.44
C ASN B 311 -12.89 18.04 7.54
N ALA B 312 -12.63 19.25 7.96
CA ALA B 312 -13.60 19.95 8.85
C ALA B 312 -14.93 20.16 8.13
N SER B 313 -16.04 19.69 8.72
CA SER B 313 -17.33 19.95 8.15
C SER B 313 -17.66 21.44 8.16
N ASN B 314 -17.41 22.06 9.32
CA ASN B 314 -17.58 23.50 9.42
C ASN B 314 -16.23 24.08 9.11
N GLN B 315 -16.09 24.49 7.86
CA GLN B 315 -14.72 24.86 7.40
C GLN B 315 -14.22 26.17 8.01
N PHE B 316 -15.16 27.09 8.35
CA PHE B 316 -14.77 28.31 9.01
C PHE B 316 -15.89 28.66 10.04
N THR B 317 -15.44 29.26 11.12
CA THR B 317 -16.36 29.74 12.15
C THR B 317 -16.08 31.21 12.39
N TRP B 318 -17.06 31.91 12.88
CA TRP B 318 -17.04 33.38 13.01
C TRP B 318 -16.61 33.84 14.40
N ARG B 319 -15.94 34.99 14.50
CA ARG B 319 -15.76 35.72 15.72
C ARG B 319 -15.89 37.23 15.41
N VAL B 320 -15.96 38.00 16.48
CA VAL B 320 -15.81 39.45 16.37
C VAL B 320 -14.70 39.91 17.32
N ALA B 321 -13.96 40.96 16.88
CA ALA B 321 -12.95 41.48 17.74
C ALA B 321 -13.61 42.38 18.83
N ALA B 322 -13.45 42.02 20.10
CA ALA B 322 -13.92 42.87 21.19
C ALA B 322 -12.92 44.00 21.54
N LYS B 323 -11.65 43.72 21.22
CA LYS B 323 -10.55 44.66 21.30
C LYS B 323 -9.66 44.51 20.07
N ASP B 324 -8.83 45.50 19.80
CA ASP B 324 -7.94 45.43 18.68
C ASP B 324 -7.01 44.24 18.93
N VAL B 325 -6.73 43.49 17.86
CA VAL B 325 -5.81 42.40 17.91
C VAL B 325 -4.85 42.48 16.70
N GLU B 326 -3.66 41.90 16.85
CA GLU B 326 -2.74 41.79 15.75
C GLU B 326 -2.52 40.30 15.44
N MET B 327 -2.79 39.94 14.19
CA MET B 327 -2.76 38.63 13.70
C MET B 327 -2.24 38.69 12.28
N GLY B 328 -1.19 37.92 11.99
CA GLY B 328 -0.74 37.68 10.60
C GLY B 328 -0.25 38.97 9.96
N GLY B 329 0.29 39.87 10.78
CA GLY B 329 0.76 41.22 10.36
C GLY B 329 -0.31 42.25 10.09
N VAL B 330 -1.54 41.89 10.46
CA VAL B 330 -2.65 42.77 10.27
C VAL B 330 -3.12 43.21 11.66
N ARG B 331 -3.43 44.52 11.80
CA ARG B 331 -4.04 45.03 13.00
C ARG B 331 -5.55 45.08 12.79
N ILE B 332 -6.28 44.17 13.43
CA ILE B 332 -7.76 44.10 13.32
C ILE B 332 -8.40 44.91 14.41
N GLU B 333 -9.25 45.85 14.03
CA GLU B 333 -9.81 46.84 14.98
C GLU B 333 -11.00 46.21 15.69
N ALA B 334 -11.19 46.64 16.91
CA ALA B 334 -12.35 46.31 17.68
C ALA B 334 -13.58 46.54 16.87
N GLY B 335 -14.49 45.57 16.91
CA GLY B 335 -15.72 45.64 16.11
C GLY B 335 -15.70 44.90 14.76
N GLN B 336 -14.51 44.61 14.23
CA GLN B 336 -14.39 43.90 12.97
C GLN B 336 -14.66 42.39 13.19
N THR B 337 -15.04 41.78 12.09
CA THR B 337 -15.46 40.37 12.05
C THR B 337 -14.32 39.52 11.54
N LEU B 338 -14.18 38.32 12.10
CA LEU B 338 -13.17 37.33 11.70
C LEU B 338 -13.82 36.04 11.29
N ALA B 339 -13.30 35.43 10.24
CA ALA B 339 -13.63 34.06 9.84
C ALA B 339 -12.46 33.14 10.13
N LEU B 340 -12.56 32.19 11.05
CA LEU B 340 -11.44 31.33 11.41
C LEU B 340 -11.58 30.06 10.58
N PHE B 341 -10.56 29.79 9.74
CA PHE B 341 -10.72 28.72 8.76
C PHE B 341 -10.09 27.46 9.41
N LEU B 342 -10.92 26.83 10.25
CA LEU B 342 -10.68 25.53 10.86
C LEU B 342 -10.24 24.51 9.82
N GLY B 343 -10.90 24.50 8.69
CA GLY B 343 -10.49 23.54 7.63
C GLY B 343 -9.07 23.73 7.04
N SER B 344 -8.59 24.96 7.03
CA SER B 344 -7.20 25.26 6.58
C SER B 344 -6.26 24.92 7.71
N ALA B 345 -6.69 25.20 8.95
CA ALA B 345 -5.86 25.00 10.08
C ALA B 345 -5.46 23.48 10.18
N ASN B 346 -6.46 22.68 9.87
CA ASN B 346 -6.36 21.23 10.05
C ASN B 346 -5.38 20.61 9.03
N ARG B 347 -5.13 21.36 7.98
CA ARG B 347 -4.11 20.93 6.98
C ARG B 347 -2.91 21.85 6.91
N ASP B 348 -2.57 22.51 8.00
CA ASP B 348 -1.44 23.40 8.06
C ASP B 348 -0.19 22.56 8.35
N ALA B 349 0.72 22.48 7.37
CA ALA B 349 1.90 21.67 7.46
C ALA B 349 2.79 21.99 8.64
N ASN B 350 2.68 23.18 9.20
CA ASN B 350 3.50 23.52 10.36
C ASN B 350 3.06 22.82 11.65
N MET B 351 1.80 22.36 11.70
CA MET B 351 1.26 21.58 12.80
C MET B 351 1.13 20.08 12.49
N PHE B 352 0.74 19.77 11.25
CA PHE B 352 0.49 18.43 10.78
C PHE B 352 1.34 18.10 9.59
N GLU B 353 2.50 17.45 9.84
CA GLU B 353 3.44 17.14 8.73
C GLU B 353 2.73 16.21 7.72
N ARG B 354 2.95 16.47 6.44
CA ARG B 354 2.26 15.73 5.35
C ARG B 354 0.75 15.85 5.61
N PRO B 355 0.28 17.11 5.63
CA PRO B 355 -1.13 17.31 6.07
C PRO B 355 -2.14 16.72 5.11
N ASN B 356 -1.82 16.52 3.83
CA ASN B 356 -2.74 15.88 2.91
C ASN B 356 -2.75 14.33 2.97
N ASP B 357 -1.95 13.73 3.85
CA ASP B 357 -2.01 12.29 4.11
C ASP B 357 -3.09 12.00 5.11
N PHE B 358 -3.97 11.11 4.71
CA PHE B 358 -4.96 10.54 5.65
C PHE B 358 -4.22 9.38 6.36
N ASP B 359 -3.85 9.60 7.62
CA ASP B 359 -2.89 8.73 8.30
C ASP B 359 -3.35 8.38 9.67
N LEU B 360 -3.86 7.16 9.79
CA LEU B 360 -4.40 6.75 11.10
C LEU B 360 -3.33 6.58 12.20
N ASP B 361 -2.07 6.47 11.79
CA ASP B 361 -0.91 6.45 12.70
C ASP B 361 -0.38 7.83 13.07
N ARG B 362 -1.02 8.89 12.57
CA ARG B 362 -0.63 10.25 12.93
C ARG B 362 -0.77 10.48 14.46
N PRO B 363 0.27 11.00 15.10
CA PRO B 363 0.29 11.02 16.56
C PRO B 363 -0.46 12.16 17.21
N ASN B 364 -0.82 13.15 16.43
CA ASN B 364 -1.43 14.32 17.00
C ASN B 364 -2.82 14.70 16.34
N SER B 365 -3.52 13.72 15.77
CA SER B 365 -4.82 13.98 15.15
C SER B 365 -5.83 14.71 16.12
N ALA B 366 -5.76 14.41 17.42
CA ALA B 366 -6.67 15.01 18.40
C ALA B 366 -6.54 16.54 18.49
N ARG B 367 -5.44 17.08 17.99
CA ARG B 367 -5.25 18.52 17.98
C ARG B 367 -6.02 19.24 16.89
N HIS B 368 -6.83 18.52 16.09
CA HIS B 368 -7.67 19.21 15.10
C HIS B 368 -8.64 20.23 15.70
N LEU B 369 -9.13 21.12 14.85
CA LEU B 369 -9.99 22.23 15.32
C LEU B 369 -11.42 22.04 14.82
N SER B 370 -11.81 20.84 14.35
CA SER B 370 -13.14 20.61 13.74
C SER B 370 -14.28 20.79 14.73
N PHE B 371 -13.98 20.63 16.02
CA PHE B 371 -14.97 20.83 17.09
C PHE B 371 -14.69 22.17 17.79
N GLY B 372 -13.87 23.03 17.22
CA GLY B 372 -13.43 24.17 17.96
C GLY B 372 -12.48 23.84 19.07
N GLN B 373 -12.28 24.77 19.99
CA GLN B 373 -11.34 24.65 21.08
C GLN B 373 -11.69 25.63 22.18
N GLY B 374 -11.42 25.25 23.43
CA GLY B 374 -11.71 26.12 24.57
C GLY B 374 -13.19 26.23 25.02
N VAL B 375 -13.61 27.43 25.34
CA VAL B 375 -14.96 27.68 25.94
C VAL B 375 -16.10 27.05 25.15
N HIS B 376 -16.05 27.17 23.83
CA HIS B 376 -17.14 26.74 22.97
C HIS B 376 -16.93 25.37 22.25
N ALA B 377 -15.96 24.59 22.73
CA ALA B 377 -15.66 23.31 22.11
C ALA B 377 -16.95 22.50 22.05
N CYS B 378 -17.17 21.81 20.94
CA CYS B 378 -18.41 21.14 20.63
C CYS B 378 -18.97 20.34 21.82
N LEU B 379 -20.21 20.68 22.21
CA LEU B 379 -20.87 19.94 23.29
C LEU B 379 -21.00 18.46 23.00
N ALA B 380 -21.20 18.15 21.72
CA ALA B 380 -21.43 16.78 21.28
C ALA B 380 -20.13 16.03 20.85
N ALA B 381 -18.95 16.57 21.20
CA ALA B 381 -17.70 16.03 20.61
C ALA B 381 -17.59 14.49 20.84
N GLN B 382 -17.85 14.07 22.08
CA GLN B 382 -17.64 12.66 22.40
C GLN B 382 -18.72 11.81 21.72
N LEU B 383 -19.97 12.27 21.73
CA LEU B 383 -21.04 11.63 21.00
C LEU B 383 -20.79 11.43 19.54
N ILE B 384 -20.22 12.46 18.90
CA ILE B 384 -19.86 12.37 17.48
C ILE B 384 -18.71 11.43 17.25
N SER B 385 -17.71 11.49 18.12
CA SER B 385 -16.56 10.59 17.93
C SER B 385 -16.97 9.15 18.09
N LEU B 386 -17.91 8.89 19.00
CA LEU B 386 -18.49 7.57 19.10
C LEU B 386 -19.23 7.14 17.90
N GLN B 387 -20.04 8.03 17.35
CA GLN B 387 -20.73 7.71 16.12
C GLN B 387 -19.82 7.33 14.96
N LEU B 388 -18.77 8.17 14.72
CA LEU B 388 -17.78 7.92 13.69
C LEU B 388 -17.09 6.57 13.92
N LYS B 389 -16.58 6.36 15.13
CA LYS B 389 -15.80 5.12 15.43
C LYS B 389 -16.71 3.93 15.07
N TRP B 390 -17.94 3.88 15.62
CA TRP B 390 -18.71 2.69 15.40
C TRP B 390 -19.19 2.51 13.99
N PHE B 391 -19.38 3.62 13.26
CA PHE B 391 -19.64 3.51 11.83
C PHE B 391 -18.52 2.77 11.06
N TYR B 392 -17.30 3.25 11.25
CA TYR B 392 -16.19 2.70 10.52
C TYR B 392 -15.89 1.27 11.03
N VAL B 393 -16.02 0.99 12.33
CA VAL B 393 -15.97 -0.39 12.77
C VAL B 393 -16.87 -1.27 11.99
N ALA B 394 -18.11 -0.88 11.87
CA ALA B 394 -19.12 -1.72 11.21
C ALA B 394 -18.77 -1.79 9.71
N LEU B 395 -18.59 -0.59 9.09
CA LEU B 395 -18.32 -0.55 7.63
C LEU B 395 -17.13 -1.35 7.18
N LEU B 396 -15.96 -1.07 7.76
CA LEU B 396 -14.71 -1.59 7.18
C LEU B 396 -14.54 -3.04 7.53
N ASN B 397 -15.17 -3.52 8.61
CA ASN B 397 -15.08 -4.98 8.81
C ASN B 397 -16.03 -5.75 7.92
N ARG B 398 -17.14 -5.15 7.48
CA ARG B 398 -17.98 -5.77 6.48
C ARG B 398 -17.48 -5.68 5.04
N PHE B 399 -17.01 -4.48 4.69
CA PHE B 399 -16.60 -4.13 3.31
C PHE B 399 -15.21 -3.52 3.34
N PRO B 400 -14.19 -4.35 3.56
CA PRO B 400 -12.86 -3.76 3.55
C PRO B 400 -12.41 -3.26 2.18
N GLY B 401 -12.95 -3.76 1.08
CA GLY B 401 -12.43 -3.40 -0.25
C GLY B 401 -13.13 -2.22 -0.86
N ILE B 402 -13.73 -1.36 -0.03
CA ILE B 402 -14.36 -0.19 -0.55
C ILE B 402 -13.51 0.68 -1.50
N ARG B 403 -14.14 1.08 -2.58
CA ARG B 403 -13.43 1.95 -3.58
C ARG B 403 -14.47 2.89 -4.15
N THR B 404 -13.99 4.00 -4.74
CA THR B 404 -14.86 4.89 -5.48
C THR B 404 -15.34 4.22 -6.76
N ALA B 405 -16.57 4.55 -7.14
CA ALA B 405 -17.24 4.00 -8.32
C ALA B 405 -17.79 5.17 -9.15
N GLY B 406 -17.02 6.24 -9.25
CA GLY B 406 -17.46 7.45 -9.97
C GLY B 406 -17.01 8.67 -9.21
N GLU B 407 -17.35 9.83 -9.74
CA GLU B 407 -16.92 11.08 -9.18
C GLU B 407 -17.71 11.47 -7.94
N PRO B 408 -17.02 11.74 -6.84
CA PRO B 408 -17.72 12.33 -5.70
C PRO B 408 -18.14 13.76 -6.06
N ILE B 409 -19.35 14.14 -5.67
CA ILE B 409 -19.88 15.46 -5.98
C ILE B 409 -20.17 16.19 -4.69
N TRP B 410 -19.58 17.36 -4.55
CA TRP B 410 -19.74 18.19 -3.35
C TRP B 410 -20.95 19.15 -3.45
N ASN B 411 -21.55 19.45 -2.31
CA ASN B 411 -22.47 20.58 -2.23
C ASN B 411 -21.71 21.91 -2.53
N GLU B 412 -22.46 22.92 -2.90
CA GLU B 412 -21.91 24.24 -3.17
C GLU B 412 -21.98 25.08 -1.92
N ASN B 413 -21.25 24.71 -0.91
CA ASN B 413 -21.22 25.43 0.34
C ASN B 413 -19.85 25.24 0.98
N LEU B 414 -19.12 26.30 1.11
CA LEU B 414 -17.78 26.27 1.74
C LEU B 414 -17.89 26.26 3.25
N GLU B 415 -18.92 26.90 3.76
CA GLU B 415 -19.04 27.11 5.23
C GLU B 415 -19.37 25.80 5.98
N PHE B 416 -20.37 25.13 5.45
CA PHE B 416 -20.70 23.77 5.92
C PHE B 416 -20.55 22.90 4.72
N ARG B 417 -19.34 22.30 4.64
CA ARG B 417 -18.96 21.65 3.39
C ARG B 417 -19.26 20.13 3.54
N SER B 418 -19.88 19.51 2.53
CA SER B 418 -20.19 18.08 2.57
C SER B 418 -20.47 17.60 1.16
N LEU B 419 -20.21 16.30 1.01
CA LEU B 419 -20.57 15.60 -0.17
C LEU B 419 -22.04 15.49 -0.38
N ARG B 420 -22.47 15.69 -1.62
CA ARG B 420 -23.85 15.39 -2.04
C ARG B 420 -24.02 13.97 -2.59
N SER B 421 -22.95 13.45 -3.19
CA SER B 421 -22.96 12.10 -3.80
C SER B 421 -21.60 11.45 -3.59
N LEU B 422 -21.59 10.16 -3.23
CA LEU B 422 -20.35 9.42 -3.03
C LEU B 422 -20.58 8.00 -3.59
N PRO B 423 -20.53 7.84 -4.92
CA PRO B 423 -20.69 6.52 -5.49
C PRO B 423 -19.51 5.61 -5.12
N LEU B 424 -19.85 4.50 -4.46
CA LEU B 424 -18.89 3.52 -4.03
C LEU B 424 -19.18 2.15 -4.58
N SER B 425 -18.09 1.40 -4.76
CA SER B 425 -18.03 -0.05 -4.90
C SER B 425 -17.66 -0.66 -3.53
N LEU B 426 -18.45 -1.58 -3.05
CA LEU B 426 -18.23 -2.15 -1.72
C LEU B 426 -17.37 -3.40 -1.76
N ARG B 427 -17.57 -4.20 -2.80
CA ARG B 427 -16.64 -5.25 -3.12
C ARG B 427 -16.61 -5.30 -4.63
CHA HEM C . 20.97 -16.76 -6.24
CHB HEM C . 22.37 -19.29 -10.17
CHC HEM C . 18.87 -22.48 -9.31
CHD HEM C . 17.17 -19.72 -5.76
C1A HEM C . 21.65 -17.19 -7.38
C2A HEM C . 22.72 -16.41 -7.99
C3A HEM C . 23.10 -17.13 -9.10
C4A HEM C . 22.32 -18.30 -9.20
CMA HEM C . 24.18 -16.77 -10.11
CAA HEM C . 23.37 -15.20 -7.48
CBA HEM C . 23.02 -13.93 -8.26
CGA HEM C . 23.69 -12.70 -7.78
O1A HEM C . 23.67 -11.70 -8.59
O2A HEM C . 24.23 -12.62 -6.66
C1B HEM C . 21.53 -20.39 -10.31
C2B HEM C . 21.73 -21.45 -11.27
C3B HEM C . 20.75 -22.36 -11.01
C4B HEM C . 19.94 -21.79 -9.89
CMB HEM C . 22.86 -21.46 -12.32
CAB HEM C . 20.50 -23.66 -11.65
CBB HEM C . 21.52 -24.34 -12.23
C1C HEM C . 18.00 -22.05 -8.30
C2C HEM C . 16.76 -22.62 -7.95
C3C HEM C . 16.28 -21.81 -6.91
C4C HEM C . 17.25 -20.76 -6.67
CMC HEM C . 16.14 -23.86 -8.56
CAC HEM C . 15.04 -22.04 -6.12
CBC HEM C . 15.06 -21.82 -4.84
C1D HEM C . 18.05 -18.68 -5.60
C2D HEM C . 17.88 -17.57 -4.64
C3D HEM C . 18.91 -16.72 -4.76
C4D HEM C . 19.77 -17.35 -5.83
CMD HEM C . 16.71 -17.36 -3.70
CAD HEM C . 19.23 -15.57 -3.95
CBD HEM C . 20.01 -15.86 -2.71
CGD HEM C . 20.26 -14.62 -1.84
O1D HEM C . 20.14 -13.47 -2.34
O2D HEM C . 20.66 -14.79 -0.67
NA HEM C . 21.44 -18.32 -8.12
NB HEM C . 20.56 -20.77 -9.40
NC HEM C . 18.34 -20.97 -7.49
ND HEM C . 19.26 -18.56 -6.24
FE HEM C . 19.93 -19.68 -7.76
N TRP D . 21.16 -12.45 -12.51
CA TRP D . 19.84 -12.03 -11.91
C TRP D . 19.86 -10.53 -11.71
O TRP D . 20.94 -9.89 -11.68
CB TRP D . 19.61 -12.74 -10.56
CG TRP D . 19.34 -14.24 -10.74
CD1 TRP D . 20.17 -15.29 -10.43
CD2 TRP D . 18.11 -14.81 -11.18
NE1 TRP D . 19.52 -16.49 -10.71
CE2 TRP D . 18.28 -16.20 -11.24
CE3 TRP D . 16.92 -14.23 -11.70
CZ2 TRP D . 17.28 -17.03 -11.64
CZ3 TRP D . 15.91 -15.06 -12.09
CH2 TRP D . 16.09 -16.45 -12.07
OXT TRP D . 18.81 -9.92 -11.55
C1 GOL E . 36.97 -36.20 -28.31
O1 GOL E . 37.31 -36.03 -26.94
C2 GOL E . 37.76 -37.34 -28.89
O2 GOL E . 39.14 -37.14 -28.62
C3 GOL E . 37.34 -38.70 -28.35
O3 GOL E . 38.03 -39.73 -29.05
CHA HEM F . -19.95 23.87 19.05
CHB HEM F . -18.52 21.36 15.12
CHC HEM F . -22.01 18.11 15.94
CHD HEM F . -23.77 20.93 19.50
C1A HEM F . -19.24 23.43 17.94
C2A HEM F . -18.16 24.22 17.32
C3A HEM F . -17.80 23.53 16.20
C4A HEM F . -18.60 22.38 16.10
CMA HEM F . -16.73 23.92 15.20
CAA HEM F . -17.52 25.46 17.82
CBA HEM F . -17.87 26.67 17.02
CGA HEM F . -17.25 27.94 17.51
O1A HEM F . -17.29 28.95 16.69
O2A HEM F . -16.69 28.03 18.62
C1B HEM F . -19.36 20.26 14.97
C2B HEM F . -19.16 19.21 13.99
C3B HEM F . -20.13 18.27 14.28
C4B HEM F . -20.96 18.84 15.40
CMB HEM F . -18.06 19.18 12.90
CAB HEM F . -20.40 16.97 13.62
CBB HEM F . -19.38 16.34 12.99
C1C HEM F . -22.88 18.64 16.97
C2C HEM F . -24.13 18.03 17.39
C3C HEM F . -24.60 18.81 18.40
C4C HEM F . -23.63 19.89 18.58
CMC HEM F . -24.75 16.80 16.77
CAC HEM F . -25.85 18.54 19.18
CBC HEM F . -25.82 18.74 20.48
C1D HEM F . -22.91 21.96 19.71
C2D HEM F . -23.05 23.07 20.63
C3D HEM F . -21.98 23.87 20.55
C4D HEM F . -21.16 23.27 19.45
CMD HEM F . -24.24 23.23 21.56
CAD HEM F . -21.66 25.11 21.33
CBD HEM F . -20.94 24.81 22.63
CGD HEM F . -20.65 26.03 23.48
O1D HEM F . -20.74 27.16 22.95
O2D HEM F . -20.29 25.82 24.67
NA HEM F . -19.46 22.30 17.20
NB HEM F . -20.34 19.88 15.89
NC HEM F . -22.56 19.67 17.76
ND HEM F . -21.67 22.08 19.05
FE HEM F . -20.98 20.95 17.53
N TRP G . -19.77 28.20 12.84
CA TRP G . -21.07 28.64 13.44
C TRP G . -21.08 30.15 13.60
O TRP G . -19.99 30.77 13.61
CB TRP G . -21.27 27.94 14.80
CG TRP G . -21.59 26.46 14.63
CD1 TRP G . -20.76 25.39 14.90
CD2 TRP G . -22.83 25.91 14.15
NE1 TRP G . -21.39 24.20 14.59
CE2 TRP G . -22.66 24.48 14.13
CE3 TRP G . -24.00 26.44 13.62
CZ2 TRP G . -23.68 23.64 13.68
CZ3 TRP G . -25.01 25.58 13.25
CH2 TRP G . -24.83 24.22 13.23
OXT TRP G . -22.10 30.73 13.84
C1 GOL H . -9.77 15.62 -0.16
O1 GOL H . -9.58 14.96 1.11
C2 GOL H . -11.25 15.92 -0.43
O2 GOL H . -11.73 16.86 0.54
C3 GOL H . -11.41 16.62 -1.82
O3 GOL H . -11.14 15.73 -2.94
CL CL I . -9.69 12.04 0.03
#